data_7TUR
#
_entry.id   7TUR
#
_cell.length_a   55.710
_cell.length_b   125.030
_cell.length_c   130.900
_cell.angle_alpha   90.00
_cell.angle_beta   90.00
_cell.angle_gamma   90.00
#
_symmetry.space_group_name_H-M   'P 21 21 21'
#
loop_
_entity.id
_entity.type
_entity.pdbx_description
1 polymer 'Aspartate aminotransferase, cytoplasmic'
2 non-polymer '2-[(3-HYDROXY-2-METHYL-5-PHOSPHONOOXYMETHYL-PYRIDIN-4-YLMETHYL)-AMINO]-2-METHYL-SUCCINIC ACID'
3 non-polymer "4'-DEOXY-4'-AMINOPYRIDOXAL-5'-PHOSPHATE"
4 water water
#
_entity_poly.entity_id   1
_entity_poly.type   'polypeptide(L)'
_entity_poly.pdbx_seq_one_letter_code
;GMAPPSVFAEVPQAQPVLVFKLIADFREDPDPRKVNLGVGAYRTDDCQPWVLPVVRKVEQRIANNSSLNHEYLPILGLAE
FRTCASRLALGDDSPALQEKRVGGVQSLGGTGALRIGAEFLARWYNGTNNKDTPVYVSSPTWENHNGVFTTAGFKDIRSY
RYWDTEKRGLDLQGFLSDLENAPEFSIFVLHACAHNPTGTDPTPEQWKQIASVMKRRFLFPFFDSAYQGFASGNLEKDAW
AIRYFVSEGFELFCAQSFSKNFGLYNERVGNLTVVAKEPDSILRVLSQMQKIVRVTWSNPPAQGARIVARTLSDPELFHE
WTGNVKTMADRILSMRSELRARLEALKTPGTWNHITDQIGMFSFTGLNPKQVEYLINQKHIYLLPSGRINMCGLTTKNLD
YVATSIHEAVTKIQ
;
_entity_poly.pdbx_strand_id   A,B
#
loop_
_chem_comp.id
_chem_comp.type
_chem_comp.name
_chem_comp.formula
PLA non-polymer '2-[(3-HYDROXY-2-METHYL-5-PHOSPHONOOXYMETHYL-PYRIDIN-4-YLMETHYL)-AMINO]-2-METHYL-SUCCINIC ACID' 'C13 H19 N2 O9 P'
PMP non-polymer 4'-DEOXY-4'-AMINOPYRIDOXAL-5'-PHOSPHATE 'C8 H13 N2 O5 P'
#
# COMPACT_ATOMS: atom_id res chain seq x y z
N ALA A 3 14.35 27.94 24.80
CA ALA A 3 13.30 26.95 24.41
C ALA A 3 13.42 26.51 22.94
N PRO A 4 13.76 25.24 22.69
CA PRO A 4 13.85 24.75 21.31
C PRO A 4 12.43 24.44 20.81
N PRO A 5 11.92 25.22 19.85
CA PRO A 5 10.56 24.94 19.39
C PRO A 5 10.46 23.60 18.69
N SER A 6 9.23 23.13 18.51
CA SER A 6 8.99 21.85 17.86
C SER A 6 9.02 21.99 16.35
N VAL A 7 9.60 21.02 15.65
CA VAL A 7 9.65 21.07 14.19
C VAL A 7 8.26 20.93 13.59
N PHE A 8 7.26 20.65 14.42
CA PHE A 8 5.88 20.49 13.96
C PHE A 8 5.02 21.68 14.38
N ALA A 9 5.64 22.67 14.99
CA ALA A 9 4.95 23.84 15.50
C ALA A 9 3.96 24.47 14.53
N GLU A 10 4.37 24.59 13.28
CA GLU A 10 3.55 25.27 12.28
C GLU A 10 2.70 24.40 11.37
N VAL A 11 2.65 23.10 11.65
CA VAL A 11 1.83 22.21 10.84
C VAL A 11 0.37 22.57 11.07
N PRO A 12 -0.35 22.92 10.00
CA PRO A 12 -1.75 23.27 10.19
C PRO A 12 -2.66 22.07 10.35
N GLN A 13 -3.82 22.30 10.94
CA GLN A 13 -4.82 21.26 11.10
C GLN A 13 -5.48 21.04 9.72
N ALA A 14 -5.33 19.85 9.15
CA ALA A 14 -5.90 19.55 7.85
C ALA A 14 -7.42 19.42 7.85
N GLN A 15 -8.01 19.44 6.66
CA GLN A 15 -9.45 19.29 6.49
C GLN A 15 -9.78 17.78 6.56
N PRO A 16 -10.80 17.38 7.35
CA PRO A 16 -11.12 15.94 7.46
C PRO A 16 -11.68 15.33 6.18
N VAL A 17 -11.17 14.16 5.81
CA VAL A 17 -11.64 13.46 4.61
C VAL A 17 -13.13 13.16 4.82
N LEU A 18 -13.96 14.11 4.41
CA LEU A 18 -15.41 14.05 4.59
C LEU A 18 -16.06 12.65 4.67
N VAL A 19 -15.98 11.86 3.61
CA VAL A 19 -16.64 10.56 3.65
C VAL A 19 -16.18 9.66 4.81
N PHE A 20 -14.89 9.71 5.16
CA PHE A 20 -14.42 8.91 6.28
C PHE A 20 -14.72 9.58 7.61
N LYS A 21 -15.33 10.76 7.55
CA LYS A 21 -15.73 11.50 8.74
C LYS A 21 -17.13 11.08 9.15
N LEU A 22 -18.04 11.02 8.19
CA LEU A 22 -19.43 10.60 8.45
C LEU A 22 -19.48 9.27 9.20
N ILE A 23 -18.57 8.36 8.84
CA ILE A 23 -18.54 7.05 9.48
C ILE A 23 -18.24 7.19 10.96
N ALA A 24 -17.27 8.04 11.30
CA ALA A 24 -16.88 8.27 12.69
C ALA A 24 -18.01 8.97 13.46
N ASP A 25 -18.71 9.88 12.77
CA ASP A 25 -19.81 10.62 13.38
C ASP A 25 -20.95 9.69 13.75
N PHE A 26 -21.30 8.80 12.83
CA PHE A 26 -22.39 7.86 13.05
C PHE A 26 -22.13 7.00 14.28
N ARG A 27 -21.10 6.15 14.17
CA ARG A 27 -20.73 5.24 15.25
C ARG A 27 -20.82 5.84 16.65
N GLU A 28 -20.36 7.08 16.80
CA GLU A 28 -20.36 7.73 18.11
C GLU A 28 -21.60 8.57 18.41
N ASP A 29 -22.49 8.69 17.43
CA ASP A 29 -23.73 9.44 17.63
C ASP A 29 -24.67 8.56 18.49
N PRO A 30 -25.24 9.12 19.57
CA PRO A 30 -26.11 8.30 20.44
C PRO A 30 -27.59 8.25 20.08
N ASP A 31 -28.03 9.05 19.11
CA ASP A 31 -29.44 9.04 18.75
C ASP A 31 -29.82 7.65 18.21
N PRO A 32 -30.92 7.06 18.70
CA PRO A 32 -31.38 5.71 18.32
C PRO A 32 -31.88 5.50 16.89
N ARG A 33 -32.45 6.53 16.27
CA ARG A 33 -32.99 6.39 14.91
C ARG A 33 -31.99 6.80 13.82
N LYS A 34 -30.73 6.97 14.20
CA LYS A 34 -29.70 7.36 13.25
C LYS A 34 -29.52 6.35 12.10
N VAL A 35 -29.47 6.85 10.86
CA VAL A 35 -29.28 6.02 9.66
C VAL A 35 -28.08 6.54 8.84
N ASN A 36 -27.28 5.64 8.28
CA ASN A 36 -26.08 6.04 7.52
C ASN A 36 -26.12 5.84 6.01
N LEU A 37 -26.43 6.93 5.30
CA LEU A 37 -26.47 6.92 3.85
C LEU A 37 -25.19 7.62 3.36
N GLY A 38 -24.07 7.27 3.98
CA GLY A 38 -22.79 7.86 3.64
C GLY A 38 -21.89 6.93 2.84
N VAL A 39 -20.76 6.55 3.44
CA VAL A 39 -19.80 5.65 2.80
C VAL A 39 -20.46 4.65 1.85
N GLY A 40 -19.76 4.32 0.77
CA GLY A 40 -20.28 3.41 -0.22
C GLY A 40 -20.00 1.94 0.03
N ALA A 41 -20.64 1.36 1.04
CA ALA A 41 -20.47 -0.05 1.33
C ALA A 41 -21.83 -0.75 1.45
N TYR A 42 -21.90 -1.99 0.98
CA TYR A 42 -23.14 -2.77 1.01
C TYR A 42 -23.64 -3.04 2.43
N ARG A 43 -24.95 -3.16 2.56
CA ARG A 43 -25.60 -3.47 3.84
C ARG A 43 -26.80 -4.36 3.59
N THR A 44 -27.06 -5.28 4.52
CA THR A 44 -28.20 -6.17 4.38
C THR A 44 -29.47 -5.37 4.70
N ASP A 45 -30.63 -6.01 4.60
CA ASP A 45 -31.88 -5.32 4.88
C ASP A 45 -32.00 -5.09 6.38
N ASP A 46 -30.98 -5.51 7.13
CA ASP A 46 -30.96 -5.35 8.58
C ASP A 46 -29.89 -4.35 9.01
N CYS A 47 -29.33 -3.61 8.05
CA CYS A 47 -28.30 -2.61 8.34
C CYS A 47 -26.98 -3.18 8.84
N GLN A 48 -26.64 -4.36 8.36
CA GLN A 48 -25.41 -5.00 8.77
C GLN A 48 -24.45 -5.26 7.61
N PRO A 49 -23.13 -5.25 7.89
CA PRO A 49 -22.15 -5.53 6.84
C PRO A 49 -22.37 -6.96 6.37
N TRP A 50 -22.03 -7.27 5.11
CA TRP A 50 -22.25 -8.61 4.58
C TRP A 50 -21.01 -9.28 4.00
N VAL A 51 -20.48 -10.27 4.69
CA VAL A 51 -19.33 -10.99 4.20
C VAL A 51 -19.88 -12.07 3.27
N LEU A 52 -19.53 -12.00 1.99
CA LEU A 52 -20.05 -12.95 1.01
C LEU A 52 -19.83 -14.40 1.40
N PRO A 53 -20.88 -15.23 1.29
CA PRO A 53 -20.76 -16.66 1.61
C PRO A 53 -19.57 -17.30 0.91
N VAL A 54 -19.37 -16.97 -0.35
CA VAL A 54 -18.25 -17.52 -1.10
C VAL A 54 -16.93 -17.08 -0.49
N VAL A 55 -16.88 -15.87 0.06
CA VAL A 55 -15.66 -15.39 0.69
C VAL A 55 -15.36 -16.16 1.97
N ARG A 56 -16.36 -16.31 2.84
CA ARG A 56 -16.15 -17.07 4.08
C ARG A 56 -15.64 -18.48 3.78
N LYS A 57 -16.15 -19.09 2.73
CA LYS A 57 -15.71 -20.43 2.37
C LYS A 57 -14.24 -20.46 1.97
N VAL A 58 -13.82 -19.53 1.13
CA VAL A 58 -12.43 -19.49 0.69
C VAL A 58 -11.50 -19.15 1.86
N GLU A 59 -11.94 -18.28 2.77
CA GLU A 59 -11.10 -17.96 3.93
C GLU A 59 -10.80 -19.22 4.71
N GLN A 60 -11.85 -20.00 4.97
CA GLN A 60 -11.70 -21.26 5.68
C GLN A 60 -10.66 -22.18 5.03
N ARG A 61 -10.75 -22.34 3.71
CA ARG A 61 -9.81 -23.20 3.02
C ARG A 61 -8.37 -22.70 3.07
N ILE A 62 -8.20 -21.38 3.02
CA ILE A 62 -6.86 -20.83 3.07
C ILE A 62 -6.27 -21.15 4.43
N ALA A 63 -7.06 -20.90 5.47
CA ALA A 63 -6.64 -21.18 6.83
C ALA A 63 -6.32 -22.66 7.08
N ASN A 64 -6.97 -23.55 6.32
CA ASN A 64 -6.74 -24.99 6.50
C ASN A 64 -5.69 -25.52 5.56
N ASN A 65 -4.94 -24.62 4.95
CA ASN A 65 -3.88 -25.00 4.01
C ASN A 65 -2.51 -24.70 4.59
N SER A 66 -1.92 -25.70 5.26
CA SER A 66 -0.63 -25.53 5.92
C SER A 66 0.56 -25.31 4.98
N SER A 67 0.37 -25.61 3.70
CA SER A 67 1.45 -25.44 2.71
C SER A 67 1.64 -23.99 2.27
N LEU A 68 0.74 -23.10 2.69
CA LEU A 68 0.83 -21.70 2.33
C LEU A 68 1.79 -21.01 3.29
N ASN A 69 2.59 -20.07 2.78
CA ASN A 69 3.53 -19.35 3.64
C ASN A 69 3.36 -17.85 3.45
N HIS A 70 4.19 -17.07 4.14
CA HIS A 70 4.09 -15.62 4.07
C HIS A 70 5.26 -14.94 3.41
N GLU A 71 5.99 -15.65 2.56
CA GLU A 71 7.13 -15.07 1.86
C GLU A 71 6.65 -13.97 0.91
N TYR A 72 7.43 -12.90 0.79
CA TYR A 72 7.06 -11.78 -0.07
C TYR A 72 6.52 -12.24 -1.42
N LEU A 73 5.48 -11.57 -1.90
CA LEU A 73 4.95 -11.85 -3.24
C LEU A 73 5.83 -11.08 -4.19
N PRO A 74 5.75 -11.38 -5.51
CA PRO A 74 6.54 -10.60 -6.46
C PRO A 74 6.08 -9.14 -6.41
N ILE A 75 6.97 -8.21 -6.77
CA ILE A 75 6.65 -6.79 -6.74
C ILE A 75 5.32 -6.49 -7.42
N LEU A 76 5.13 -7.03 -8.62
CA LEU A 76 3.91 -6.82 -9.39
C LEU A 76 2.70 -7.57 -8.83
N GLY A 77 2.94 -8.52 -7.93
CA GLY A 77 1.83 -9.25 -7.33
C GLY A 77 1.68 -10.71 -7.73
N LEU A 78 0.67 -11.33 -7.12
CA LEU A 78 0.35 -12.73 -7.34
C LEU A 78 -0.03 -12.92 -8.82
N ALA A 79 0.75 -13.70 -9.56
CA ALA A 79 0.47 -13.90 -10.98
C ALA A 79 -0.95 -14.37 -11.26
N GLU A 80 -1.39 -15.41 -10.57
CA GLU A 80 -2.73 -15.92 -10.81
C GLU A 80 -3.81 -14.85 -10.60
N PHE A 81 -3.61 -13.96 -9.63
CA PHE A 81 -4.59 -12.91 -9.39
C PHE A 81 -4.56 -11.92 -10.55
N ARG A 82 -3.36 -11.46 -10.92
CA ARG A 82 -3.25 -10.48 -11.99
C ARG A 82 -3.91 -10.96 -13.28
N THR A 83 -3.68 -12.23 -13.61
CA THR A 83 -4.27 -12.78 -14.83
C THR A 83 -5.78 -12.91 -14.73
N CYS A 84 -6.25 -13.46 -13.62
CA CYS A 84 -7.68 -13.64 -13.43
C CYS A 84 -8.42 -12.31 -13.40
N ALA A 85 -7.81 -11.32 -12.78
CA ALA A 85 -8.44 -10.00 -12.65
C ALA A 85 -8.59 -9.35 -14.03
N SER A 86 -7.54 -9.42 -14.83
CA SER A 86 -7.57 -8.83 -16.16
C SER A 86 -8.55 -9.56 -17.05
N ARG A 87 -8.66 -10.87 -16.84
CA ARG A 87 -9.57 -11.69 -17.63
C ARG A 87 -11.01 -11.27 -17.33
N LEU A 88 -11.29 -11.02 -16.05
CA LEU A 88 -12.62 -10.59 -15.62
C LEU A 88 -13.10 -9.33 -16.32
N ALA A 89 -12.19 -8.38 -16.50
CA ALA A 89 -12.59 -7.13 -17.13
C ALA A 89 -12.65 -7.21 -18.64
N LEU A 90 -11.66 -7.87 -19.23
CA LEU A 90 -11.56 -7.96 -20.69
C LEU A 90 -12.34 -9.10 -21.34
N GLY A 91 -12.66 -10.14 -20.58
CA GLY A 91 -13.39 -11.26 -21.15
C GLY A 91 -12.46 -12.39 -21.61
N ASP A 92 -12.90 -13.63 -21.43
CA ASP A 92 -12.10 -14.79 -21.79
C ASP A 92 -11.62 -14.80 -23.24
N ASP A 93 -12.38 -14.16 -24.14
CA ASP A 93 -12.02 -14.16 -25.55
C ASP A 93 -11.56 -12.80 -26.08
N SER A 94 -10.98 -11.99 -25.20
CA SER A 94 -10.50 -10.68 -25.61
C SER A 94 -9.36 -10.86 -26.61
N PRO A 95 -9.39 -10.15 -27.75
CA PRO A 95 -8.29 -10.30 -28.70
C PRO A 95 -6.98 -9.87 -28.06
N ALA A 96 -7.07 -8.91 -27.14
CA ALA A 96 -5.90 -8.39 -26.45
C ALA A 96 -5.20 -9.47 -25.61
N LEU A 97 -5.97 -10.39 -25.03
CA LEU A 97 -5.34 -11.43 -24.23
C LEU A 97 -4.71 -12.49 -25.11
N GLN A 98 -5.32 -12.71 -26.27
CA GLN A 98 -4.84 -13.72 -27.20
C GLN A 98 -3.57 -13.24 -27.87
N GLU A 99 -3.50 -11.94 -28.11
CA GLU A 99 -2.34 -11.31 -28.74
C GLU A 99 -1.25 -10.96 -27.72
N LYS A 100 -1.42 -11.45 -26.49
CA LYS A 100 -0.51 -11.24 -25.37
C LYS A 100 -0.04 -9.78 -25.22
N ARG A 101 -0.99 -8.84 -25.25
CA ARG A 101 -0.64 -7.43 -25.12
C ARG A 101 -1.38 -6.77 -23.98
N VAL A 102 -1.58 -7.56 -22.93
CA VAL A 102 -2.24 -7.11 -21.72
C VAL A 102 -1.27 -7.32 -20.56
N GLY A 103 -1.27 -6.38 -19.62
CA GLY A 103 -0.41 -6.45 -18.45
C GLY A 103 -1.24 -6.15 -17.21
N GLY A 104 -0.83 -6.66 -16.06
CA GLY A 104 -1.60 -6.40 -14.85
C GLY A 104 -0.71 -6.19 -13.65
N VAL A 105 -1.03 -5.17 -12.86
CA VAL A 105 -0.25 -4.83 -11.68
C VAL A 105 -1.16 -4.89 -10.46
N GLN A 106 -0.91 -5.83 -9.55
CA GLN A 106 -1.75 -5.94 -8.35
C GLN A 106 -1.55 -4.67 -7.51
N SER A 107 -2.66 -4.10 -7.04
CA SER A 107 -2.59 -2.84 -6.33
C SER A 107 -3.36 -2.82 -5.04
N LEU A 108 -3.16 -1.75 -4.30
CA LEU A 108 -3.84 -1.57 -3.03
C LEU A 108 -5.22 -0.99 -3.30
N GLY A 109 -6.13 -1.87 -3.70
CA GLY A 109 -7.50 -1.44 -4.01
C GLY A 109 -7.55 -0.61 -5.28
N GLY A 110 -8.71 -0.03 -5.57
CA GLY A 110 -8.88 0.80 -6.74
C GLY A 110 -8.00 2.02 -6.69
N THR A 111 -7.92 2.62 -5.50
CA THR A 111 -7.11 3.84 -5.30
C THR A 111 -5.66 3.56 -5.63
N GLY A 112 -5.14 2.46 -5.09
CA GLY A 112 -3.76 2.09 -5.35
C GLY A 112 -3.50 1.93 -6.82
N ALA A 113 -4.45 1.35 -7.54
CA ALA A 113 -4.29 1.15 -8.96
C ALA A 113 -4.28 2.49 -9.72
N LEU A 114 -5.13 3.40 -9.28
CA LEU A 114 -5.20 4.72 -9.89
C LEU A 114 -3.89 5.47 -9.67
N ARG A 115 -3.38 5.37 -8.46
CA ARG A 115 -2.13 6.06 -8.11
C ARG A 115 -0.94 5.57 -8.92
N ILE A 116 -0.82 4.26 -9.06
CA ILE A 116 0.30 3.70 -9.81
C ILE A 116 0.20 4.16 -11.27
N GLY A 117 -0.99 4.07 -11.82
CA GLY A 117 -1.18 4.46 -13.19
C GLY A 117 -0.86 5.92 -13.42
N ALA A 118 -1.33 6.77 -12.50
CA ALA A 118 -1.09 8.20 -12.60
C ALA A 118 0.41 8.46 -12.54
N GLU A 119 1.08 7.76 -11.63
CA GLU A 119 2.52 7.95 -11.47
C GLU A 119 3.28 7.60 -12.73
N PHE A 120 2.85 6.56 -13.42
CA PHE A 120 3.51 6.14 -14.65
C PHE A 120 3.27 7.17 -15.75
N LEU A 121 2.01 7.57 -15.93
CA LEU A 121 1.68 8.57 -16.95
C LEU A 121 2.47 9.85 -16.75
N ALA A 122 2.63 10.28 -15.50
CA ALA A 122 3.36 11.51 -15.20
C ALA A 122 4.86 11.41 -15.46
N ARG A 123 5.36 10.19 -15.69
CA ARG A 123 6.80 10.00 -15.96
C ARG A 123 7.09 9.60 -17.40
N TRP A 124 6.21 8.81 -18.00
CA TRP A 124 6.48 8.29 -19.34
C TRP A 124 5.50 8.56 -20.46
N TYR A 125 4.38 9.22 -20.18
CA TYR A 125 3.36 9.46 -21.21
C TYR A 125 3.45 10.85 -21.82
N ASN A 126 3.36 10.90 -23.16
CA ASN A 126 3.38 12.16 -23.89
C ASN A 126 4.66 12.92 -23.60
N GLY A 127 5.77 12.19 -23.59
CA GLY A 127 7.06 12.78 -23.28
C GLY A 127 7.57 12.26 -21.97
N THR A 128 8.71 12.79 -21.54
CA THR A 128 9.30 12.37 -20.30
C THR A 128 9.04 13.43 -19.26
N ASN A 129 8.52 12.99 -18.13
CA ASN A 129 8.21 13.89 -17.04
C ASN A 129 7.35 15.06 -17.49
N ASN A 130 6.32 14.76 -18.27
CA ASN A 130 5.39 15.77 -18.75
C ASN A 130 4.27 15.88 -17.75
N LYS A 131 4.30 16.93 -16.94
CA LYS A 131 3.29 17.15 -15.93
C LYS A 131 2.18 18.07 -16.46
N ASP A 132 2.29 18.46 -17.73
CA ASP A 132 1.35 19.39 -18.32
C ASP A 132 0.22 18.76 -19.10
N THR A 133 0.25 17.45 -19.32
CA THR A 133 -0.84 16.82 -20.07
C THR A 133 -2.12 17.01 -19.28
N PRO A 134 -3.15 17.66 -19.88
CA PRO A 134 -4.38 17.84 -19.11
C PRO A 134 -5.04 16.52 -18.74
N VAL A 135 -5.56 16.48 -17.52
CA VAL A 135 -6.25 15.30 -17.01
C VAL A 135 -7.70 15.72 -16.78
N TYR A 136 -8.62 14.99 -17.39
CA TYR A 136 -10.03 15.30 -17.27
C TYR A 136 -10.79 14.32 -16.39
N VAL A 137 -11.64 14.86 -15.52
CA VAL A 137 -12.51 14.04 -14.67
C VAL A 137 -13.94 14.52 -14.87
N SER A 138 -14.90 13.66 -14.59
CA SER A 138 -16.30 14.03 -14.77
C SER A 138 -16.76 15.06 -13.77
N SER A 139 -17.83 15.75 -14.14
CA SER A 139 -18.44 16.74 -13.27
C SER A 139 -19.86 16.29 -12.91
N PRO A 140 -20.07 15.81 -11.68
CA PRO A 140 -19.08 15.64 -10.61
C PRO A 140 -18.43 14.26 -10.70
N THR A 141 -17.55 13.96 -9.75
CA THR A 141 -16.87 12.66 -9.72
C THR A 141 -16.49 12.33 -8.30
N TRP A 142 -15.86 11.17 -8.13
CA TRP A 142 -15.37 10.70 -6.84
C TRP A 142 -14.23 11.65 -6.47
N GLU A 143 -14.38 12.35 -5.34
CA GLU A 143 -13.40 13.35 -4.93
C GLU A 143 -11.94 12.90 -5.01
N ASN A 144 -11.66 11.65 -4.68
CA ASN A 144 -10.27 11.18 -4.70
C ASN A 144 -9.64 11.09 -6.10
N HIS A 145 -10.43 11.36 -7.14
CA HIS A 145 -9.90 11.36 -8.50
C HIS A 145 -8.95 12.53 -8.62
N ASN A 146 -9.43 13.70 -8.23
CA ASN A 146 -8.63 14.91 -8.25
C ASN A 146 -7.41 14.75 -7.33
N GLY A 147 -7.63 14.14 -6.17
CA GLY A 147 -6.57 13.95 -5.20
C GLY A 147 -5.39 13.13 -5.71
N VAL A 148 -5.71 11.99 -6.32
CA VAL A 148 -4.68 11.11 -6.83
C VAL A 148 -3.84 11.71 -7.97
N PHE A 149 -4.48 12.36 -8.94
CA PHE A 149 -3.72 12.91 -10.06
C PHE A 149 -2.90 14.12 -9.69
N THR A 150 -3.45 14.95 -8.81
CA THR A 150 -2.71 16.12 -8.36
C THR A 150 -1.42 15.65 -7.65
N THR A 151 -1.55 14.65 -6.78
CA THR A 151 -0.40 14.12 -6.05
C THR A 151 0.64 13.53 -6.97
N ALA A 152 0.20 13.03 -8.12
CA ALA A 152 1.13 12.43 -9.06
C ALA A 152 1.90 13.54 -9.79
N GLY A 153 1.44 14.77 -9.62
CA GLY A 153 2.13 15.90 -10.22
C GLY A 153 1.43 16.65 -11.34
N PHE A 154 0.29 16.15 -11.81
CA PHE A 154 -0.43 16.80 -12.90
C PHE A 154 -0.93 18.18 -12.49
N LYS A 155 -0.50 19.19 -13.24
CA LYS A 155 -0.81 20.59 -12.95
C LYS A 155 -2.08 21.12 -13.58
N ASP A 156 -2.64 20.38 -14.53
CA ASP A 156 -3.82 20.83 -15.23
C ASP A 156 -4.94 19.80 -15.15
N ILE A 157 -5.73 19.86 -14.09
CA ILE A 157 -6.86 18.95 -13.93
C ILE A 157 -8.11 19.67 -14.36
N ARG A 158 -8.81 19.14 -15.36
CA ARG A 158 -10.01 19.78 -15.86
C ARG A 158 -11.20 18.86 -15.70
N SER A 159 -12.38 19.40 -15.95
CA SER A 159 -13.59 18.61 -15.84
C SER A 159 -14.35 18.60 -17.16
N TYR A 160 -15.13 17.53 -17.38
CA TYR A 160 -15.98 17.44 -18.58
C TYR A 160 -17.42 17.40 -18.09
N ARG A 161 -18.29 18.06 -18.84
CA ARG A 161 -19.70 18.10 -18.48
C ARG A 161 -20.23 16.68 -18.46
N TYR A 162 -21.02 16.34 -17.45
CA TYR A 162 -21.54 14.98 -17.32
C TYR A 162 -23.00 14.98 -16.83
N TRP A 163 -23.24 15.55 -15.66
CA TRP A 163 -24.59 15.57 -15.11
C TRP A 163 -25.35 16.84 -15.50
N ASP A 164 -26.56 16.63 -16.00
CA ASP A 164 -27.46 17.72 -16.39
C ASP A 164 -28.38 17.93 -15.19
N THR A 165 -28.19 19.01 -14.45
CA THR A 165 -29.01 19.25 -13.26
C THR A 165 -30.50 19.30 -13.52
N GLU A 166 -30.89 20.01 -14.56
CA GLU A 166 -32.31 20.16 -14.89
C GLU A 166 -32.93 18.93 -15.52
N LYS A 167 -32.22 18.33 -16.47
CA LYS A 167 -32.74 17.13 -17.12
C LYS A 167 -32.55 15.93 -16.18
N ARG A 168 -31.69 16.11 -15.16
CA ARG A 168 -31.38 15.06 -14.20
C ARG A 168 -30.90 13.81 -14.91
N GLY A 169 -29.90 13.99 -15.75
CA GLY A 169 -29.36 12.87 -16.49
C GLY A 169 -28.07 13.25 -17.16
N LEU A 170 -27.69 12.49 -18.17
CA LEU A 170 -26.44 12.70 -18.90
C LEU A 170 -26.46 13.85 -19.90
N ASP A 171 -25.54 14.80 -19.72
CA ASP A 171 -25.42 15.90 -20.65
C ASP A 171 -24.49 15.44 -21.76
N LEU A 172 -24.99 14.53 -22.60
CA LEU A 172 -24.21 13.99 -23.70
C LEU A 172 -23.59 15.07 -24.58
N GLN A 173 -24.36 16.10 -24.89
CA GLN A 173 -23.87 17.16 -25.76
C GLN A 173 -22.70 17.94 -25.14
N GLY A 174 -22.72 18.11 -23.84
CA GLY A 174 -21.63 18.82 -23.18
C GLY A 174 -20.39 17.96 -23.15
N PHE A 175 -20.57 16.70 -22.79
CA PHE A 175 -19.47 15.74 -22.73
C PHE A 175 -18.77 15.72 -24.08
N LEU A 176 -19.53 15.60 -25.17
CA LEU A 176 -18.94 15.55 -26.50
C LEU A 176 -18.18 16.81 -26.84
N SER A 177 -18.80 17.94 -26.52
CA SER A 177 -18.19 19.23 -26.78
C SER A 177 -16.84 19.36 -26.04
N ASP A 178 -16.79 18.87 -24.79
CA ASP A 178 -15.53 18.95 -24.04
C ASP A 178 -14.51 17.98 -24.61
N LEU A 179 -14.97 16.85 -25.13
CA LEU A 179 -14.07 15.88 -25.75
C LEU A 179 -13.48 16.50 -27.00
N GLU A 180 -14.31 17.20 -27.76
CA GLU A 180 -13.87 17.83 -29.00
C GLU A 180 -12.89 18.95 -28.79
N ASN A 181 -13.06 19.69 -27.70
CA ASN A 181 -12.20 20.81 -27.41
C ASN A 181 -10.98 20.48 -26.57
N ALA A 182 -10.80 19.21 -26.25
CA ALA A 182 -9.65 18.79 -25.47
C ALA A 182 -8.41 18.60 -26.33
N PRO A 183 -7.26 19.12 -25.89
CA PRO A 183 -6.01 18.96 -26.63
C PRO A 183 -5.76 17.48 -26.90
N GLU A 184 -5.10 17.18 -28.01
CA GLU A 184 -4.79 15.80 -28.32
C GLU A 184 -3.91 15.21 -27.23
N PHE A 185 -4.13 13.93 -26.96
CA PHE A 185 -3.39 13.19 -25.93
C PHE A 185 -3.79 13.48 -24.50
N SER A 186 -4.84 14.27 -24.30
CA SER A 186 -5.27 14.54 -22.95
C SER A 186 -5.73 13.21 -22.37
N ILE A 187 -5.66 13.10 -21.06
CA ILE A 187 -6.06 11.89 -20.37
C ILE A 187 -7.46 12.06 -19.82
N PHE A 188 -8.31 11.08 -20.08
CA PHE A 188 -9.68 11.11 -19.59
C PHE A 188 -9.92 9.99 -18.58
N VAL A 189 -10.35 10.38 -17.38
CA VAL A 189 -10.68 9.42 -16.31
C VAL A 189 -12.17 9.08 -16.51
N LEU A 190 -12.43 7.84 -16.93
CA LEU A 190 -13.78 7.37 -17.24
C LEU A 190 -14.29 6.35 -16.23
N HIS A 191 -15.55 6.46 -15.85
CA HIS A 191 -16.15 5.49 -14.93
C HIS A 191 -16.68 4.33 -15.80
N ALA A 192 -16.12 3.13 -15.65
CA ALA A 192 -16.55 1.97 -16.45
C ALA A 192 -18.05 1.73 -16.43
N CYS A 193 -18.63 1.85 -15.24
CA CYS A 193 -20.07 1.67 -15.05
C CYS A 193 -20.40 2.12 -13.62
N ALA A 194 -21.70 2.29 -13.35
CA ALA A 194 -22.15 2.72 -12.03
C ALA A 194 -21.43 4.01 -11.63
N HIS A 195 -21.57 5.03 -12.46
CA HIS A 195 -20.94 6.32 -12.21
C HIS A 195 -21.12 6.77 -10.74
N ASN A 196 -20.04 7.21 -10.11
CA ASN A 196 -20.07 7.70 -8.75
C ASN A 196 -19.78 9.19 -8.90
N PRO A 197 -20.65 10.06 -8.35
CA PRO A 197 -21.83 9.78 -7.53
C PRO A 197 -23.19 9.84 -8.21
N THR A 198 -23.24 10.04 -9.52
CA THR A 198 -24.55 10.19 -10.16
C THR A 198 -25.35 8.93 -10.37
N GLY A 199 -24.65 7.82 -10.58
CA GLY A 199 -25.34 6.57 -10.85
C GLY A 199 -25.88 6.59 -12.28
N THR A 200 -25.45 7.56 -13.07
CA THR A 200 -25.91 7.67 -14.44
C THR A 200 -24.79 7.36 -15.43
N ASP A 201 -25.02 6.38 -16.29
CA ASP A 201 -24.01 5.98 -17.28
C ASP A 201 -24.51 6.14 -18.68
N PRO A 202 -23.59 6.35 -19.63
CA PRO A 202 -24.02 6.39 -21.02
C PRO A 202 -24.51 5.01 -21.47
N THR A 203 -25.39 4.99 -22.47
CA THR A 203 -25.86 3.73 -23.05
C THR A 203 -24.79 3.27 -24.03
N PRO A 204 -24.86 2.01 -24.51
CA PRO A 204 -23.82 1.60 -25.45
C PRO A 204 -23.72 2.52 -26.67
N GLU A 205 -24.86 3.03 -27.13
CA GLU A 205 -24.90 3.93 -28.28
C GLU A 205 -24.12 5.20 -27.99
N GLN A 206 -24.25 5.70 -26.77
CA GLN A 206 -23.55 6.91 -26.37
C GLN A 206 -22.07 6.63 -26.20
N TRP A 207 -21.74 5.46 -25.66
CA TRP A 207 -20.35 5.07 -25.49
C TRP A 207 -19.62 5.11 -26.83
N LYS A 208 -20.30 4.61 -27.87
CA LYS A 208 -19.72 4.58 -29.20
C LYS A 208 -19.40 5.99 -29.68
N GLN A 209 -20.27 6.94 -29.35
CA GLN A 209 -20.06 8.31 -29.77
C GLN A 209 -18.85 8.89 -29.04
N ILE A 210 -18.78 8.61 -27.75
CA ILE A 210 -17.68 9.09 -26.93
C ILE A 210 -16.37 8.52 -27.44
N ALA A 211 -16.37 7.23 -27.75
CA ALA A 211 -15.17 6.57 -28.24
C ALA A 211 -14.74 7.13 -29.56
N SER A 212 -15.72 7.48 -30.40
CA SER A 212 -15.41 8.02 -31.71
C SER A 212 -14.55 9.28 -31.64
N VAL A 213 -14.86 10.17 -30.71
CA VAL A 213 -14.11 11.40 -30.56
C VAL A 213 -12.74 11.15 -29.94
N MET A 214 -12.69 10.25 -28.96
CA MET A 214 -11.39 9.94 -28.32
C MET A 214 -10.42 9.37 -29.30
N LYS A 215 -10.92 8.49 -30.15
CA LYS A 215 -10.07 7.88 -31.16
C LYS A 215 -9.55 8.93 -32.13
N ARG A 216 -10.43 9.81 -32.59
CA ARG A 216 -10.03 10.86 -33.52
C ARG A 216 -9.00 11.81 -32.94
N ARG A 217 -9.21 12.23 -31.69
CA ARG A 217 -8.32 13.18 -31.04
C ARG A 217 -7.21 12.58 -30.18
N PHE A 218 -7.03 11.28 -30.30
CA PHE A 218 -5.95 10.62 -29.56
C PHE A 218 -6.04 10.87 -28.07
N LEU A 219 -7.25 10.75 -27.53
CA LEU A 219 -7.43 10.93 -26.10
C LEU A 219 -7.23 9.60 -25.38
N PHE A 220 -6.49 9.62 -24.28
CA PHE A 220 -6.18 8.41 -23.52
C PHE A 220 -7.29 8.00 -22.55
N PRO A 221 -7.85 6.79 -22.71
CA PRO A 221 -8.89 6.41 -21.74
C PRO A 221 -8.29 5.73 -20.50
N PHE A 222 -8.51 6.33 -19.34
CA PHE A 222 -8.04 5.73 -18.09
C PHE A 222 -9.31 5.34 -17.36
N PHE A 223 -9.68 4.07 -17.48
CA PHE A 223 -10.90 3.55 -16.89
C PHE A 223 -10.79 3.29 -15.38
N ASP A 224 -11.84 3.68 -14.66
CA ASP A 224 -11.94 3.40 -13.23
C ASP A 224 -13.11 2.41 -13.14
N SER A 225 -12.83 1.16 -12.78
CA SER A 225 -13.85 0.13 -12.71
C SER A 225 -13.89 -0.39 -11.27
N ALA A 226 -14.72 0.24 -10.43
CA ALA A 226 -14.79 -0.14 -9.05
C ALA A 226 -16.07 -0.87 -8.74
N TYR A 227 -16.92 -1.05 -9.74
CA TYR A 227 -18.22 -1.68 -9.49
C TYR A 227 -18.67 -2.73 -10.48
N GLN A 228 -17.76 -3.40 -11.16
CA GLN A 228 -18.19 -4.42 -12.12
C GLN A 228 -19.13 -5.39 -11.45
N GLY A 229 -20.38 -5.39 -11.89
CA GLY A 229 -21.38 -6.25 -11.29
C GLY A 229 -22.52 -5.54 -10.58
N PHE A 230 -22.32 -4.27 -10.22
CA PHE A 230 -23.34 -3.47 -9.52
C PHE A 230 -24.25 -2.65 -10.44
N ALA A 231 -23.78 -2.32 -11.63
CA ALA A 231 -24.57 -1.52 -12.54
C ALA A 231 -25.77 -2.29 -13.08
N SER A 232 -25.68 -3.61 -13.02
CA SER A 232 -26.75 -4.45 -13.56
C SER A 232 -26.89 -5.78 -12.84
N GLY A 233 -25.85 -6.20 -12.12
CA GLY A 233 -25.90 -7.48 -11.46
C GLY A 233 -25.29 -8.55 -12.33
N ASN A 234 -24.73 -8.15 -13.48
CA ASN A 234 -24.09 -9.10 -14.39
C ASN A 234 -22.71 -8.58 -14.76
N LEU A 235 -21.70 -9.38 -14.47
CA LEU A 235 -20.31 -9.00 -14.71
C LEU A 235 -19.97 -8.70 -16.17
N GLU A 236 -20.52 -9.48 -17.07
CA GLU A 236 -20.22 -9.30 -18.49
C GLU A 236 -20.77 -8.00 -19.03
N LYS A 237 -22.02 -7.73 -18.73
CA LYS A 237 -22.66 -6.52 -19.22
C LYS A 237 -21.97 -5.26 -18.67
N ASP A 238 -21.59 -5.29 -17.40
CA ASP A 238 -20.93 -4.13 -16.77
C ASP A 238 -19.55 -3.82 -17.33
N ALA A 239 -18.92 -4.77 -18.00
CA ALA A 239 -17.59 -4.56 -18.55
C ALA A 239 -17.63 -4.22 -20.05
N TRP A 240 -18.83 -4.13 -20.62
CA TRP A 240 -18.97 -3.86 -22.06
C TRP A 240 -18.20 -2.67 -22.63
N ALA A 241 -18.31 -1.52 -21.97
CA ALA A 241 -17.63 -0.32 -22.46
C ALA A 241 -16.13 -0.53 -22.58
N ILE A 242 -15.53 -1.11 -21.55
CA ILE A 242 -14.09 -1.37 -21.55
C ILE A 242 -13.71 -2.27 -22.72
N ARG A 243 -14.49 -3.34 -22.90
CA ARG A 243 -14.26 -4.29 -23.98
C ARG A 243 -14.45 -3.65 -25.35
N TYR A 244 -15.45 -2.79 -25.49
CA TYR A 244 -15.68 -2.10 -26.75
C TYR A 244 -14.45 -1.26 -27.12
N PHE A 245 -13.94 -0.48 -26.16
CA PHE A 245 -12.78 0.35 -26.41
C PHE A 245 -11.62 -0.53 -26.88
N VAL A 246 -11.45 -1.67 -26.21
CA VAL A 246 -10.39 -2.58 -26.56
C VAL A 246 -10.59 -3.09 -28.00
N SER A 247 -11.83 -3.38 -28.39
CA SER A 247 -12.07 -3.89 -29.75
C SER A 247 -11.83 -2.81 -30.81
N GLU A 248 -11.95 -1.55 -30.41
CA GLU A 248 -11.74 -0.43 -31.30
C GLU A 248 -10.27 -0.07 -31.43
N GLY A 249 -9.41 -0.91 -30.85
CA GLY A 249 -7.98 -0.73 -30.95
C GLY A 249 -7.31 0.30 -30.05
N PHE A 250 -8.00 0.71 -29.00
CA PHE A 250 -7.44 1.67 -28.06
C PHE A 250 -6.37 1.03 -27.19
N GLU A 251 -5.45 1.87 -26.73
CA GLU A 251 -4.45 1.48 -25.75
C GLU A 251 -5.03 2.14 -24.51
N LEU A 252 -5.00 1.47 -23.37
CA LEU A 252 -5.63 2.05 -22.19
C LEU A 252 -5.20 1.45 -20.87
N PHE A 253 -5.67 2.06 -19.79
CA PHE A 253 -5.42 1.57 -18.45
C PHE A 253 -6.81 1.32 -17.87
N CYS A 254 -6.92 0.38 -16.93
CA CYS A 254 -8.18 0.11 -16.27
C CYS A 254 -7.86 -0.22 -14.81
N ALA A 255 -8.24 0.69 -13.91
CA ALA A 255 -7.99 0.50 -12.50
C ALA A 255 -9.17 -0.28 -11.92
N GLN A 256 -8.92 -1.53 -11.52
CA GLN A 256 -9.98 -2.38 -10.98
C GLN A 256 -9.95 -2.48 -9.46
N SER A 257 -11.13 -2.42 -8.86
CA SER A 257 -11.26 -2.57 -7.41
C SER A 257 -12.11 -3.80 -7.15
N PHE A 258 -11.78 -4.53 -6.10
CA PHE A 258 -12.56 -5.69 -5.71
C PHE A 258 -13.16 -5.45 -4.31
N SER A 259 -13.15 -4.19 -3.88
CA SER A 259 -13.68 -3.85 -2.56
C SER A 259 -15.16 -4.10 -2.43
N LYS A 260 -15.92 -3.67 -3.44
CA LYS A 260 -17.36 -3.86 -3.38
C LYS A 260 -17.87 -5.19 -3.92
N ASN A 261 -17.42 -5.58 -5.10
CA ASN A 261 -17.94 -6.82 -5.68
C ASN A 261 -17.54 -8.09 -4.96
N PHE A 262 -16.51 -8.01 -4.15
CA PHE A 262 -16.12 -9.13 -3.34
C PHE A 262 -16.36 -8.76 -1.89
N GLY A 263 -16.72 -7.50 -1.67
CA GLY A 263 -16.92 -7.01 -0.33
C GLY A 263 -15.64 -7.15 0.52
N LEU A 264 -14.47 -7.05 -0.11
CA LEU A 264 -13.20 -7.17 0.61
C LEU A 264 -12.57 -5.81 0.87
N TYR A 265 -13.41 -4.85 1.19
CA TYR A 265 -12.99 -3.48 1.46
C TYR A 265 -11.67 -3.37 2.21
N ASN A 266 -11.58 -3.99 3.40
CA ASN A 266 -10.36 -3.88 4.22
C ASN A 266 -9.17 -4.79 3.88
N GLU A 267 -9.20 -5.47 2.74
CA GLU A 267 -8.06 -6.28 2.35
C GLU A 267 -7.32 -5.59 1.18
N ARG A 268 -7.92 -4.49 0.70
CA ARG A 268 -7.29 -3.65 -0.32
C ARG A 268 -6.82 -4.42 -1.56
N VAL A 269 -7.79 -5.00 -2.26
CA VAL A 269 -7.53 -5.76 -3.46
C VAL A 269 -7.88 -4.99 -4.71
N GLY A 270 -6.86 -4.74 -5.51
CA GLY A 270 -7.08 -4.02 -6.75
C GLY A 270 -6.13 -4.50 -7.83
N ASN A 271 -6.35 -4.07 -9.06
CA ASN A 271 -5.51 -4.46 -10.17
C ASN A 271 -5.51 -3.34 -11.21
N LEU A 272 -4.35 -3.08 -11.79
CA LEU A 272 -4.26 -2.07 -12.84
C LEU A 272 -3.99 -2.84 -14.10
N THR A 273 -4.99 -2.90 -14.96
CA THR A 273 -4.84 -3.60 -16.23
C THR A 273 -4.36 -2.60 -17.28
N VAL A 274 -3.40 -3.05 -18.08
CA VAL A 274 -2.84 -2.23 -19.12
C VAL A 274 -2.99 -2.91 -20.47
N VAL A 275 -3.48 -2.17 -21.46
CA VAL A 275 -3.63 -2.72 -22.80
C VAL A 275 -2.79 -1.88 -23.76
N ALA A 276 -1.89 -2.54 -24.48
CA ALA A 276 -1.03 -1.86 -25.44
C ALA A 276 -1.25 -2.41 -26.84
N LYS A 277 -0.72 -1.73 -27.86
CA LYS A 277 -0.87 -2.20 -29.23
C LYS A 277 -0.10 -3.50 -29.46
N GLU A 278 1.01 -3.69 -28.75
CA GLU A 278 1.82 -4.89 -28.94
C GLU A 278 2.47 -5.40 -27.66
N PRO A 279 2.88 -6.68 -27.63
CA PRO A 279 3.44 -7.30 -26.43
C PRO A 279 4.73 -6.73 -25.90
N ASP A 280 5.62 -6.31 -26.79
CA ASP A 280 6.90 -5.78 -26.32
C ASP A 280 6.71 -4.56 -25.42
N SER A 281 5.72 -3.72 -25.73
CA SER A 281 5.46 -2.53 -24.91
C SER A 281 5.06 -2.91 -23.50
N ILE A 282 4.24 -3.95 -23.39
CA ILE A 282 3.79 -4.43 -22.09
C ILE A 282 4.98 -4.74 -21.17
N LEU A 283 5.95 -5.50 -21.66
CA LEU A 283 7.12 -5.83 -20.85
C LEU A 283 7.86 -4.57 -20.36
N ARG A 284 8.03 -3.58 -21.23
CA ARG A 284 8.73 -2.36 -20.86
C ARG A 284 7.94 -1.54 -19.84
N VAL A 285 6.64 -1.41 -20.07
CA VAL A 285 5.78 -0.65 -19.17
C VAL A 285 5.82 -1.27 -17.78
N LEU A 286 5.68 -2.59 -17.74
CA LEU A 286 5.70 -3.30 -16.47
C LEU A 286 7.01 -3.13 -15.75
N SER A 287 8.12 -3.07 -16.49
CA SER A 287 9.44 -2.90 -15.90
C SER A 287 9.47 -1.58 -15.14
N GLN A 288 8.81 -0.57 -15.70
CA GLN A 288 8.78 0.75 -15.08
C GLN A 288 7.83 0.77 -13.89
N MET A 289 6.68 0.11 -14.01
CA MET A 289 5.74 0.07 -12.89
C MET A 289 6.33 -0.64 -11.67
N GLN A 290 7.27 -1.56 -11.87
CA GLN A 290 7.88 -2.26 -10.75
C GLN A 290 8.67 -1.27 -9.92
N LYS A 291 9.33 -0.35 -10.59
CA LYS A 291 10.14 0.63 -9.91
C LYS A 291 9.26 1.56 -9.10
N ILE A 292 8.08 1.87 -9.64
CA ILE A 292 7.14 2.73 -8.96
C ILE A 292 6.58 2.05 -7.72
N VAL A 293 6.18 0.79 -7.88
CA VAL A 293 5.64 0.03 -6.77
C VAL A 293 6.67 -0.13 -5.66
N ARG A 294 7.90 -0.43 -6.07
CA ARG A 294 8.99 -0.65 -5.12
C ARG A 294 9.15 0.45 -4.08
N VAL A 295 9.07 1.72 -4.52
CA VAL A 295 9.25 2.85 -3.63
C VAL A 295 7.95 3.33 -2.98
N THR A 296 6.87 2.58 -3.18
CA THR A 296 5.57 2.95 -2.61
C THR A 296 5.13 1.97 -1.52
N TRP A 297 4.95 0.69 -1.88
CA TRP A 297 4.59 -0.33 -0.88
C TRP A 297 5.49 -1.57 -0.93
N SER A 298 6.47 -1.52 -1.83
CA SER A 298 7.47 -2.59 -2.03
C SER A 298 6.89 -3.78 -2.81
N ASN A 299 5.88 -4.41 -2.23
CA ASN A 299 5.18 -5.56 -2.82
C ASN A 299 3.81 -5.58 -2.14
N PRO A 300 2.79 -6.19 -2.78
CA PRO A 300 1.46 -6.11 -2.19
C PRO A 300 1.12 -7.20 -1.17
N PRO A 301 0.07 -7.00 -0.37
CA PRO A 301 -0.35 -8.00 0.62
C PRO A 301 -1.01 -9.18 -0.12
N ALA A 302 -1.07 -10.34 0.52
CA ALA A 302 -1.60 -11.50 -0.17
C ALA A 302 -3.01 -12.00 0.17
N GLN A 303 -3.49 -11.79 1.39
CA GLN A 303 -4.78 -12.33 1.78
C GLN A 303 -5.91 -12.07 0.78
N GLY A 304 -6.21 -10.79 0.52
CA GLY A 304 -7.27 -10.47 -0.43
C GLY A 304 -7.08 -11.07 -1.81
N ALA A 305 -5.88 -10.94 -2.39
CA ALA A 305 -5.63 -11.47 -3.73
C ALA A 305 -5.78 -13.00 -3.79
N ARG A 306 -5.43 -13.68 -2.71
CA ARG A 306 -5.56 -15.14 -2.63
C ARG A 306 -7.03 -15.55 -2.70
N ILE A 307 -7.88 -14.77 -2.03
CA ILE A 307 -9.30 -15.03 -2.01
C ILE A 307 -9.90 -14.86 -3.41
N VAL A 308 -9.55 -13.76 -4.06
CA VAL A 308 -10.06 -13.49 -5.40
C VAL A 308 -9.53 -14.43 -6.48
N ALA A 309 -8.23 -14.72 -6.45
CA ALA A 309 -7.68 -15.63 -7.46
C ALA A 309 -8.31 -17.01 -7.30
N ARG A 310 -8.53 -17.42 -6.05
CA ARG A 310 -9.12 -18.73 -5.78
C ARG A 310 -10.55 -18.79 -6.31
N THR A 311 -11.31 -17.71 -6.11
CA THR A 311 -12.69 -17.67 -6.57
C THR A 311 -12.78 -17.67 -8.09
N LEU A 312 -12.00 -16.82 -8.75
CA LEU A 312 -12.02 -16.69 -10.20
C LEU A 312 -11.42 -17.87 -10.96
N SER A 313 -10.69 -18.73 -10.27
CA SER A 313 -10.05 -19.87 -10.92
C SER A 313 -10.80 -21.19 -10.75
N ASP A 314 -11.81 -21.19 -9.88
CA ASP A 314 -12.61 -22.37 -9.59
C ASP A 314 -14.03 -22.16 -10.12
N PRO A 315 -14.43 -22.87 -11.19
CA PRO A 315 -15.77 -22.69 -11.77
C PRO A 315 -16.92 -22.78 -10.78
N GLU A 316 -16.81 -23.72 -9.84
CA GLU A 316 -17.86 -23.87 -8.83
C GLU A 316 -17.95 -22.61 -7.99
N LEU A 317 -16.79 -22.12 -7.56
CA LEU A 317 -16.74 -20.93 -6.75
C LEU A 317 -17.09 -19.67 -7.54
N PHE A 318 -16.69 -19.62 -8.80
CA PHE A 318 -16.99 -18.47 -9.66
C PHE A 318 -18.52 -18.36 -9.74
N HIS A 319 -19.18 -19.50 -9.94
CA HIS A 319 -20.62 -19.50 -10.04
C HIS A 319 -21.23 -18.98 -8.75
N GLU A 320 -20.81 -19.52 -7.62
CA GLU A 320 -21.33 -19.08 -6.34
C GLU A 320 -21.16 -17.57 -6.16
N TRP A 321 -19.99 -17.05 -6.50
CA TRP A 321 -19.74 -15.62 -6.38
C TRP A 321 -20.66 -14.78 -7.26
N THR A 322 -20.85 -15.18 -8.53
CA THR A 322 -21.71 -14.39 -9.41
C THR A 322 -23.11 -14.30 -8.83
N GLY A 323 -23.56 -15.36 -8.18
CA GLY A 323 -24.87 -15.35 -7.56
C GLY A 323 -24.93 -14.41 -6.37
N ASN A 324 -23.86 -14.35 -5.58
CA ASN A 324 -23.79 -13.47 -4.40
C ASN A 324 -23.83 -12.01 -4.85
N VAL A 325 -23.25 -11.73 -6.02
CA VAL A 325 -23.24 -10.39 -6.58
C VAL A 325 -24.64 -10.01 -7.02
N LYS A 326 -25.27 -10.88 -7.80
CA LYS A 326 -26.62 -10.62 -8.27
C LYS A 326 -27.53 -10.34 -7.07
N THR A 327 -27.29 -11.04 -5.97
CA THR A 327 -28.10 -10.83 -4.76
C THR A 327 -27.92 -9.41 -4.26
N MET A 328 -26.70 -8.90 -4.34
CA MET A 328 -26.47 -7.55 -3.89
C MET A 328 -27.10 -6.54 -4.84
N ALA A 329 -26.96 -6.76 -6.13
CA ALA A 329 -27.53 -5.82 -7.07
C ALA A 329 -29.04 -5.87 -7.04
N ASP A 330 -29.60 -7.06 -6.84
CA ASP A 330 -31.05 -7.20 -6.80
C ASP A 330 -31.66 -6.43 -5.62
N ARG A 331 -31.01 -6.45 -4.47
CA ARG A 331 -31.52 -5.73 -3.32
C ARG A 331 -31.54 -4.23 -3.65
N ILE A 332 -30.51 -3.79 -4.37
CA ILE A 332 -30.41 -2.38 -4.75
C ILE A 332 -31.50 -2.06 -5.77
N LEU A 333 -31.69 -2.96 -6.72
CA LEU A 333 -32.69 -2.78 -7.76
C LEU A 333 -34.07 -2.73 -7.15
N SER A 334 -34.19 -3.32 -5.96
CA SER A 334 -35.44 -3.35 -5.23
C SER A 334 -35.76 -2.05 -4.55
N MET A 335 -34.75 -1.51 -3.89
CA MET A 335 -34.88 -0.29 -3.09
C MET A 335 -35.06 0.98 -3.93
N ARG A 336 -34.60 0.93 -5.18
CA ARG A 336 -34.74 2.06 -6.08
C ARG A 336 -36.20 2.27 -6.41
N SER A 337 -37.00 1.28 -6.04
CA SER A 337 -38.43 1.32 -6.27
C SER A 337 -39.18 1.71 -4.99
N GLU A 338 -39.00 0.94 -3.92
CA GLU A 338 -39.70 1.25 -2.68
C GLU A 338 -39.38 2.62 -2.13
N LEU A 339 -38.24 3.19 -2.53
CA LEU A 339 -37.89 4.52 -2.09
C LEU A 339 -38.73 5.49 -2.90
N ARG A 340 -38.89 5.16 -4.18
CA ARG A 340 -39.67 5.99 -5.08
C ARG A 340 -41.14 5.95 -4.68
N ALA A 341 -41.72 4.76 -4.70
CA ALA A 341 -43.12 4.60 -4.32
C ALA A 341 -43.42 5.48 -3.11
N ARG A 342 -42.86 5.08 -1.97
CA ARG A 342 -43.01 5.83 -0.71
C ARG A 342 -43.18 7.33 -0.93
N LEU A 343 -42.17 7.97 -1.51
CA LEU A 343 -42.18 9.41 -1.76
C LEU A 343 -43.38 9.93 -2.56
N GLU A 344 -43.69 9.28 -3.68
CA GLU A 344 -44.82 9.70 -4.51
C GLU A 344 -46.08 9.72 -3.66
N ALA A 345 -46.13 8.78 -2.73
CA ALA A 345 -47.26 8.63 -1.81
C ALA A 345 -47.26 9.77 -0.80
N LEU A 346 -46.12 10.02 -0.19
CA LEU A 346 -45.99 11.09 0.79
C LEU A 346 -46.20 12.45 0.16
N LYS A 347 -46.50 12.45 -1.14
CA LYS A 347 -46.73 13.70 -1.86
C LYS A 347 -45.55 14.65 -1.69
N THR A 348 -44.36 14.15 -1.94
CA THR A 348 -43.15 14.97 -1.84
C THR A 348 -43.16 15.89 -3.05
N PRO A 349 -43.36 17.21 -2.85
CA PRO A 349 -43.41 18.11 -4.00
C PRO A 349 -42.33 17.85 -5.05
N GLY A 350 -42.75 17.41 -6.23
CA GLY A 350 -41.80 17.13 -7.30
C GLY A 350 -41.98 15.81 -8.01
N THR A 351 -41.22 15.64 -9.09
CA THR A 351 -41.26 14.44 -9.92
C THR A 351 -39.96 13.66 -9.75
N TRP A 352 -39.87 12.91 -8.66
CA TRP A 352 -38.66 12.15 -8.34
C TRP A 352 -38.64 10.78 -9.03
N ASN A 353 -38.20 10.76 -10.28
CA ASN A 353 -38.13 9.51 -11.03
C ASN A 353 -36.73 8.95 -11.16
N HIS A 354 -35.75 9.84 -11.28
CA HIS A 354 -34.36 9.43 -11.43
C HIS A 354 -33.95 8.35 -10.40
N ILE A 355 -34.51 8.42 -9.20
CA ILE A 355 -34.22 7.47 -8.13
C ILE A 355 -34.27 6.02 -8.57
N THR A 356 -34.91 5.76 -9.69
CA THR A 356 -35.04 4.38 -10.15
C THR A 356 -34.48 4.10 -11.55
N ASP A 357 -33.96 5.15 -12.19
CA ASP A 357 -33.39 5.01 -13.53
C ASP A 357 -31.87 4.94 -13.44
N GLN A 358 -31.35 5.35 -12.29
CA GLN A 358 -29.93 5.34 -12.05
C GLN A 358 -29.52 3.94 -11.61
N ILE A 359 -28.27 3.58 -11.83
CA ILE A 359 -27.78 2.27 -11.45
C ILE A 359 -26.56 2.32 -10.55
N GLY A 360 -26.35 1.24 -9.82
CA GLY A 360 -25.22 1.18 -8.89
C GLY A 360 -25.72 1.43 -7.48
N MET A 361 -24.81 1.59 -6.51
CA MET A 361 -25.24 1.82 -5.14
C MET A 361 -25.66 3.29 -4.89
N PHE A 362 -25.20 4.22 -5.72
CA PHE A 362 -25.49 5.65 -5.53
C PHE A 362 -26.52 6.28 -6.44
N SER A 363 -27.30 7.18 -5.85
CA SER A 363 -28.33 7.91 -6.59
C SER A 363 -28.27 9.40 -6.27
N PHE A 364 -28.02 10.19 -7.31
CA PHE A 364 -27.95 11.64 -7.16
C PHE A 364 -29.40 12.11 -7.10
N THR A 365 -29.84 12.55 -5.93
CA THR A 365 -31.21 12.99 -5.74
C THR A 365 -31.58 14.35 -6.36
N GLY A 366 -31.24 15.42 -5.66
CA GLY A 366 -31.56 16.76 -6.13
C GLY A 366 -31.74 17.68 -4.93
N LEU A 367 -31.13 17.29 -3.82
CA LEU A 367 -31.23 18.03 -2.58
C LEU A 367 -30.14 19.11 -2.45
N ASN A 368 -30.52 20.31 -2.01
CA ASN A 368 -29.56 21.39 -1.79
C ASN A 368 -28.77 21.10 -0.51
N PRO A 369 -27.56 21.69 -0.35
CA PRO A 369 -26.73 21.45 0.83
C PRO A 369 -27.40 21.72 2.18
N LYS A 370 -28.27 22.73 2.21
CA LYS A 370 -28.99 23.09 3.43
C LYS A 370 -29.90 21.94 3.90
N GLN A 371 -30.51 21.24 2.95
CA GLN A 371 -31.38 20.10 3.26
C GLN A 371 -30.58 18.99 3.93
N VAL A 372 -29.37 18.76 3.40
CA VAL A 372 -28.48 17.75 3.94
C VAL A 372 -28.21 18.03 5.41
N GLU A 373 -27.72 19.25 5.67
CA GLU A 373 -27.42 19.70 7.02
C GLU A 373 -28.60 19.42 7.95
N TYR A 374 -29.80 19.75 7.49
CA TYR A 374 -31.01 19.54 8.26
C TYR A 374 -31.23 18.07 8.58
N LEU A 375 -31.04 17.22 7.58
CA LEU A 375 -31.23 15.79 7.75
C LEU A 375 -30.16 15.10 8.59
N ILE A 376 -28.93 15.62 8.56
CA ILE A 376 -27.87 15.01 9.37
C ILE A 376 -27.94 15.49 10.82
N ASN A 377 -28.31 16.75 11.02
CA ASN A 377 -28.40 17.33 12.35
C ASN A 377 -29.69 17.04 13.14
N GLN A 378 -30.85 17.18 12.50
CA GLN A 378 -32.13 16.96 13.19
C GLN A 378 -32.65 15.52 13.22
N LYS A 379 -32.39 14.75 12.17
CA LYS A 379 -32.88 13.38 12.09
C LYS A 379 -31.76 12.34 12.08
N HIS A 380 -30.53 12.82 12.04
CA HIS A 380 -29.36 11.95 12.06
C HIS A 380 -29.24 11.04 10.85
N ILE A 381 -29.48 11.60 9.66
CA ILE A 381 -29.36 10.85 8.42
C ILE A 381 -28.10 11.31 7.72
N TYR A 382 -26.99 10.66 8.06
CA TYR A 382 -25.67 10.97 7.52
C TYR A 382 -25.53 10.64 6.02
N LEU A 383 -25.42 11.68 5.20
CA LEU A 383 -25.25 11.53 3.75
C LEU A 383 -24.25 12.59 3.29
N LEU A 384 -23.98 12.63 1.99
CA LEU A 384 -23.05 13.62 1.47
C LEU A 384 -23.77 14.92 1.19
N PRO A 385 -23.03 16.05 1.22
CA PRO A 385 -23.67 17.36 0.98
C PRO A 385 -24.19 17.54 -0.42
N SER A 386 -23.62 16.79 -1.37
CA SER A 386 -23.99 16.89 -2.78
C SER A 386 -25.38 16.38 -3.15
N GLY A 387 -25.98 15.57 -2.29
CA GLY A 387 -27.30 15.03 -2.60
C GLY A 387 -27.19 13.56 -2.97
N ARG A 388 -26.00 13.01 -2.80
CA ARG A 388 -25.76 11.60 -3.11
C ARG A 388 -26.11 10.72 -1.91
N ILE A 389 -26.96 9.72 -2.14
CA ILE A 389 -27.34 8.79 -1.07
C ILE A 389 -27.04 7.36 -1.47
N ASN A 390 -26.60 6.54 -0.52
CA ASN A 390 -26.30 5.14 -0.79
C ASN A 390 -27.60 4.34 -0.67
N MET A 391 -28.07 3.79 -1.78
CA MET A 391 -29.29 3.00 -1.78
C MET A 391 -29.19 1.82 -0.80
N CYS A 392 -27.98 1.36 -0.54
CA CYS A 392 -27.79 0.23 0.37
C CYS A 392 -28.11 0.57 1.82
N GLY A 393 -28.12 1.86 2.16
CA GLY A 393 -28.40 2.23 3.54
C GLY A 393 -29.85 1.97 3.89
N LEU A 394 -30.69 1.89 2.86
CA LEU A 394 -32.12 1.65 3.05
C LEU A 394 -32.48 0.21 3.40
N THR A 395 -33.46 0.06 4.28
CA THR A 395 -33.96 -1.25 4.71
C THR A 395 -35.47 -1.07 4.89
N THR A 396 -36.24 -2.13 4.67
CA THR A 396 -37.69 -2.07 4.85
C THR A 396 -38.06 -1.37 6.16
N LYS A 397 -37.18 -1.49 7.15
CA LYS A 397 -37.42 -0.86 8.43
C LYS A 397 -37.30 0.66 8.32
N ASN A 398 -36.08 1.18 8.33
CA ASN A 398 -35.85 2.62 8.25
C ASN A 398 -36.34 3.27 6.97
N LEU A 399 -36.89 2.46 6.07
CA LEU A 399 -37.36 3.00 4.81
C LEU A 399 -38.43 4.06 5.01
N ASP A 400 -39.28 3.86 6.00
CA ASP A 400 -40.35 4.80 6.28
C ASP A 400 -39.79 6.08 6.93
N TYR A 401 -38.93 5.90 7.92
CA TYR A 401 -38.29 7.01 8.63
C TYR A 401 -37.51 7.90 7.67
N VAL A 402 -36.94 7.30 6.63
CA VAL A 402 -36.13 8.01 5.64
C VAL A 402 -36.99 8.82 4.64
N ALA A 403 -37.85 8.13 3.90
CA ALA A 403 -38.71 8.79 2.92
C ALA A 403 -39.45 9.96 3.53
N THR A 404 -39.78 9.86 4.81
CA THR A 404 -40.48 10.93 5.51
C THR A 404 -39.51 12.08 5.74
N SER A 405 -38.37 11.76 6.34
CA SER A 405 -37.33 12.74 6.63
C SER A 405 -37.04 13.69 5.47
N ILE A 406 -36.81 13.13 4.29
CA ILE A 406 -36.52 13.94 3.10
C ILE A 406 -37.74 14.76 2.73
N HIS A 407 -38.92 14.17 2.87
CA HIS A 407 -40.17 14.86 2.57
C HIS A 407 -40.32 16.12 3.43
N GLU A 408 -39.91 16.01 4.69
CA GLU A 408 -39.98 17.15 5.62
C GLU A 408 -39.00 18.23 5.20
N ALA A 409 -37.86 17.83 4.66
CA ALA A 409 -36.85 18.78 4.20
C ALA A 409 -37.38 19.59 3.02
N VAL A 410 -37.48 18.96 1.87
CA VAL A 410 -37.98 19.59 0.65
C VAL A 410 -39.11 20.60 0.90
N THR A 411 -39.93 20.32 1.91
CA THR A 411 -41.08 21.18 2.21
C THR A 411 -40.75 22.36 3.11
N LYS A 412 -40.36 22.07 4.35
CA LYS A 412 -40.07 23.11 5.33
C LYS A 412 -38.79 23.91 5.06
N ILE A 413 -37.80 23.28 4.46
CA ILE A 413 -36.52 23.94 4.20
C ILE A 413 -36.29 24.29 2.73
N GLN A 414 -37.37 24.55 2.00
CA GLN A 414 -37.27 24.94 0.59
C GLN A 414 -37.73 26.37 0.36
N GLY B 1 0.07 -0.23 -44.87
CA GLY B 1 -1.07 0.22 -44.02
C GLY B 1 -0.65 1.21 -42.94
N MET B 2 -1.38 2.31 -42.84
CA MET B 2 -1.10 3.34 -41.83
C MET B 2 -1.21 2.71 -40.44
N ALA B 3 -0.32 3.09 -39.54
CA ALA B 3 -0.36 2.55 -38.18
C ALA B 3 0.47 3.38 -37.21
N PRO B 4 -0.15 4.38 -36.56
CA PRO B 4 0.63 5.17 -35.61
C PRO B 4 1.18 4.27 -34.52
N PRO B 5 2.34 4.64 -33.96
CA PRO B 5 2.96 3.82 -32.92
C PRO B 5 2.24 3.92 -31.60
N SER B 6 2.54 2.95 -30.73
CA SER B 6 1.95 2.90 -29.39
C SER B 6 2.39 4.11 -28.59
N VAL B 7 1.53 4.55 -27.66
CA VAL B 7 1.88 5.65 -26.80
C VAL B 7 2.99 5.23 -25.84
N PHE B 8 3.34 3.94 -25.80
CA PHE B 8 4.40 3.44 -24.91
C PHE B 8 5.63 3.05 -25.73
N ALA B 9 5.67 3.46 -26.99
CA ALA B 9 6.76 3.10 -27.87
C ALA B 9 8.14 3.52 -27.40
N GLU B 10 8.24 4.67 -26.74
CA GLU B 10 9.55 5.14 -26.32
C GLU B 10 9.88 4.83 -24.86
N VAL B 11 9.02 4.06 -24.22
CA VAL B 11 9.24 3.69 -22.81
C VAL B 11 10.37 2.67 -22.73
N PRO B 12 11.51 3.06 -22.12
CA PRO B 12 12.64 2.13 -22.07
C PRO B 12 12.47 1.00 -21.05
N GLN B 13 13.22 -0.07 -21.25
CA GLN B 13 13.19 -1.21 -20.35
C GLN B 13 14.06 -0.88 -19.15
N ALA B 14 13.45 -0.84 -17.97
CA ALA B 14 14.18 -0.51 -16.76
C ALA B 14 15.27 -1.52 -16.49
N GLN B 15 16.40 -1.04 -15.99
CA GLN B 15 17.52 -1.93 -15.69
C GLN B 15 17.12 -2.96 -14.63
N PRO B 16 17.50 -4.24 -14.82
CA PRO B 16 17.13 -5.27 -13.85
C PRO B 16 17.96 -5.20 -12.54
N VAL B 17 17.42 -5.76 -11.47
CA VAL B 17 18.09 -5.77 -10.15
C VAL B 17 19.02 -6.97 -10.00
N LEU B 18 20.30 -6.72 -9.76
CA LEU B 18 21.31 -7.76 -9.60
C LEU B 18 20.84 -9.00 -8.86
N VAL B 19 20.37 -8.81 -7.63
CA VAL B 19 19.91 -9.92 -6.79
C VAL B 19 18.84 -10.80 -7.41
N PHE B 20 17.93 -10.21 -8.17
CA PHE B 20 16.86 -10.98 -8.82
C PHE B 20 17.44 -11.93 -9.86
N LYS B 21 18.60 -11.56 -10.40
CA LYS B 21 19.26 -12.43 -11.37
C LYS B 21 19.94 -13.54 -10.59
N LEU B 22 20.63 -13.11 -9.53
CA LEU B 22 21.38 -14.01 -8.66
C LEU B 22 20.52 -15.19 -8.25
N ILE B 23 19.28 -14.89 -7.87
CA ILE B 23 18.35 -15.92 -7.42
C ILE B 23 17.94 -16.88 -8.52
N ALA B 24 17.97 -16.40 -9.76
CA ALA B 24 17.60 -17.24 -10.89
C ALA B 24 18.72 -18.22 -11.21
N ASP B 25 19.94 -17.70 -11.35
CA ASP B 25 21.11 -18.53 -11.63
C ASP B 25 21.23 -19.67 -10.62
N PHE B 26 21.13 -19.34 -9.34
CA PHE B 26 21.21 -20.32 -8.27
C PHE B 26 20.18 -21.43 -8.49
N ARG B 27 18.92 -21.03 -8.69
CA ARG B 27 17.85 -21.98 -8.92
C ARG B 27 18.14 -22.94 -10.08
N GLU B 28 18.90 -22.48 -11.06
CA GLU B 28 19.21 -23.31 -12.23
C GLU B 28 20.50 -24.12 -12.05
N ASP B 29 21.35 -23.69 -11.12
CA ASP B 29 22.59 -24.39 -10.85
C ASP B 29 22.26 -25.81 -10.41
N PRO B 30 22.74 -26.81 -11.15
CA PRO B 30 22.42 -28.20 -10.78
C PRO B 30 23.36 -28.83 -9.75
N ASP B 31 24.41 -28.12 -9.37
CA ASP B 31 25.36 -28.66 -8.39
C ASP B 31 24.67 -28.86 -7.03
N PRO B 32 24.75 -30.09 -6.49
CA PRO B 32 24.11 -30.40 -5.20
C PRO B 32 24.76 -29.70 -4.02
N ARG B 33 25.86 -29.01 -4.27
CA ARG B 33 26.56 -28.29 -3.20
C ARG B 33 26.17 -26.82 -3.09
N LYS B 34 25.46 -26.32 -4.10
CA LYS B 34 25.06 -24.91 -4.14
C LYS B 34 24.47 -24.37 -2.85
N VAL B 35 24.82 -23.12 -2.55
CA VAL B 35 24.39 -22.45 -1.34
C VAL B 35 23.87 -21.05 -1.67
N ASN B 36 22.72 -20.68 -1.11
CA ASN B 36 22.17 -19.35 -1.38
C ASN B 36 22.29 -18.43 -0.16
N LEU B 37 23.26 -17.53 -0.21
CA LEU B 37 23.48 -16.57 0.87
C LEU B 37 22.95 -15.20 0.44
N GLY B 38 22.19 -15.19 -0.65
CA GLY B 38 21.63 -13.96 -1.16
C GLY B 38 20.14 -13.88 -0.92
N VAL B 39 19.63 -14.77 -0.08
CA VAL B 39 18.20 -14.76 0.27
C VAL B 39 17.92 -13.52 1.13
N GLY B 40 16.68 -13.03 1.12
CA GLY B 40 16.36 -11.84 1.89
C GLY B 40 15.32 -12.05 2.97
N ALA B 41 15.24 -13.27 3.50
CA ALA B 41 14.27 -13.59 4.53
C ALA B 41 14.77 -14.72 5.42
N TYR B 42 14.10 -14.91 6.54
CA TYR B 42 14.51 -15.98 7.46
C TYR B 42 14.34 -17.37 6.84
N ARG B 43 15.26 -18.27 7.16
CA ARG B 43 15.21 -19.64 6.66
C ARG B 43 15.66 -20.58 7.76
N THR B 44 15.01 -21.74 7.87
CA THR B 44 15.36 -22.73 8.89
C THR B 44 16.64 -23.47 8.50
N ASP B 45 17.12 -24.33 9.40
CA ASP B 45 18.34 -25.08 9.13
C ASP B 45 18.19 -26.02 7.94
N ASP B 46 16.96 -26.26 7.49
CA ASP B 46 16.76 -27.11 6.33
C ASP B 46 16.30 -26.31 5.13
N CYS B 47 16.67 -25.02 5.14
CA CYS B 47 16.41 -24.10 4.04
C CYS B 47 14.94 -23.88 3.68
N GLN B 48 14.09 -23.81 4.70
CA GLN B 48 12.68 -23.61 4.46
C GLN B 48 12.16 -22.33 5.13
N PRO B 49 11.23 -21.61 4.46
CA PRO B 49 10.64 -20.44 5.13
C PRO B 49 10.03 -20.98 6.40
N TRP B 50 9.73 -20.10 7.36
CA TRP B 50 9.17 -20.57 8.62
C TRP B 50 8.03 -19.69 9.08
N VAL B 51 6.83 -20.26 9.20
CA VAL B 51 5.71 -19.46 9.67
C VAL B 51 5.75 -19.62 11.18
N LEU B 52 5.71 -18.51 11.90
CA LEU B 52 5.77 -18.57 13.35
C LEU B 52 4.59 -19.33 13.93
N PRO B 53 4.88 -20.29 14.81
CA PRO B 53 3.79 -21.07 15.40
C PRO B 53 2.70 -20.17 15.93
N VAL B 54 3.09 -19.11 16.61
CA VAL B 54 2.14 -18.18 17.17
C VAL B 54 1.28 -17.54 16.09
N VAL B 55 1.85 -17.36 14.90
CA VAL B 55 1.10 -16.76 13.81
C VAL B 55 0.08 -17.74 13.27
N ARG B 56 0.47 -19.00 13.09
CA ARG B 56 -0.47 -20.00 12.61
C ARG B 56 -1.65 -20.08 13.59
N LYS B 57 -1.35 -20.00 14.88
CA LYS B 57 -2.34 -20.08 15.94
C LYS B 57 -3.35 -18.93 15.83
N VAL B 58 -2.82 -17.72 15.75
CA VAL B 58 -3.65 -16.52 15.63
C VAL B 58 -4.53 -16.56 14.37
N GLU B 59 -3.99 -17.09 13.26
CA GLU B 59 -4.77 -17.13 12.03
C GLU B 59 -5.95 -18.05 12.18
N GLN B 60 -5.76 -19.14 12.94
CA GLN B 60 -6.85 -20.07 13.14
C GLN B 60 -7.94 -19.42 13.97
N ARG B 61 -7.55 -18.65 14.99
CA ARG B 61 -8.52 -17.95 15.83
C ARG B 61 -9.25 -16.86 15.03
N ILE B 62 -8.56 -16.24 14.07
CA ILE B 62 -9.21 -15.22 13.26
C ILE B 62 -10.20 -15.90 12.33
N ALA B 63 -9.73 -16.91 11.62
CA ALA B 63 -10.59 -17.66 10.71
C ALA B 63 -11.89 -18.13 11.39
N ASN B 64 -11.77 -18.62 12.62
CA ASN B 64 -12.92 -19.14 13.36
C ASN B 64 -13.82 -18.09 13.99
N ASN B 65 -13.48 -16.81 13.82
CA ASN B 65 -14.29 -15.75 14.42
C ASN B 65 -15.30 -15.25 13.40
N SER B 66 -16.57 -15.35 13.75
CA SER B 66 -17.65 -14.94 12.84
C SER B 66 -18.05 -13.48 13.03
N SER B 67 -17.57 -12.88 14.12
CA SER B 67 -17.88 -11.49 14.46
C SER B 67 -17.15 -10.46 13.57
N LEU B 68 -16.04 -10.87 12.97
CA LEU B 68 -15.25 -9.97 12.12
C LEU B 68 -15.90 -9.78 10.77
N ASN B 69 -15.68 -8.62 10.18
CA ASN B 69 -16.19 -8.32 8.86
C ASN B 69 -15.06 -7.72 8.06
N HIS B 70 -15.35 -7.28 6.85
CA HIS B 70 -14.33 -6.69 5.99
C HIS B 70 -14.55 -5.22 5.71
N GLU B 71 -15.33 -4.54 6.57
CA GLU B 71 -15.56 -3.10 6.39
C GLU B 71 -14.25 -2.32 6.47
N TYR B 72 -14.15 -1.21 5.74
CA TYR B 72 -12.95 -0.40 5.68
C TYR B 72 -12.41 -0.08 7.06
N LEU B 73 -11.08 -0.06 7.20
CA LEU B 73 -10.46 0.34 8.44
C LEU B 73 -10.30 1.85 8.33
N PRO B 74 -10.10 2.54 9.46
CA PRO B 74 -9.91 4.00 9.42
C PRO B 74 -8.71 4.27 8.51
N ILE B 75 -8.63 5.48 7.94
CA ILE B 75 -7.51 5.84 7.08
C ILE B 75 -6.18 5.56 7.78
N LEU B 76 -6.09 5.98 9.05
CA LEU B 76 -4.87 5.79 9.84
C LEU B 76 -4.62 4.35 10.28
N GLY B 77 -5.64 3.50 10.17
CA GLY B 77 -5.48 2.10 10.52
C GLY B 77 -6.15 1.62 11.80
N LEU B 78 -5.98 0.33 12.05
CA LEU B 78 -6.54 -0.35 13.22
C LEU B 78 -6.00 0.27 14.50
N ALA B 79 -6.86 0.95 15.25
CA ALA B 79 -6.41 1.60 16.47
C ALA B 79 -5.57 0.74 17.40
N GLU B 80 -6.03 -0.47 17.68
CA GLU B 80 -5.30 -1.36 18.57
C GLU B 80 -3.91 -1.70 18.04
N PHE B 81 -3.78 -1.84 16.72
CA PHE B 81 -2.49 -2.17 16.13
C PHE B 81 -1.54 -1.01 16.33
N ARG B 82 -1.99 0.18 15.97
CA ARG B 82 -1.14 1.37 16.09
C ARG B 82 -0.63 1.59 17.53
N THR B 83 -1.51 1.44 18.52
CA THR B 83 -1.12 1.62 19.91
C THR B 83 -0.08 0.59 20.34
N CYS B 84 -0.38 -0.67 20.10
CA CYS B 84 0.51 -1.76 20.44
C CYS B 84 1.86 -1.68 19.73
N ALA B 85 1.87 -1.21 18.48
CA ALA B 85 3.12 -1.11 17.74
C ALA B 85 4.02 -0.05 18.32
N SER B 86 3.45 1.10 18.65
CA SER B 86 4.26 2.18 19.20
C SER B 86 4.76 1.80 20.59
N ARG B 87 3.90 1.15 21.33
CA ARG B 87 4.28 0.74 22.67
C ARG B 87 5.42 -0.25 22.58
N LEU B 88 5.43 -1.06 21.53
CA LEU B 88 6.49 -2.05 21.39
C LEU B 88 7.85 -1.39 21.21
N ALA B 89 7.92 -0.35 20.40
CA ALA B 89 9.18 0.32 20.15
C ALA B 89 9.59 1.24 21.28
N LEU B 90 8.62 1.91 21.87
CA LEU B 90 8.91 2.89 22.91
C LEU B 90 8.98 2.37 24.35
N GLY B 91 8.26 1.29 24.63
CA GLY B 91 8.22 0.76 25.99
C GLY B 91 6.97 1.26 26.69
N ASP B 92 6.32 0.40 27.48
CA ASP B 92 5.12 0.79 28.19
C ASP B 92 5.30 2.05 29.05
N ASP B 93 6.49 2.18 29.63
CA ASP B 93 6.80 3.29 30.52
C ASP B 93 7.40 4.52 29.85
N SER B 94 7.33 4.59 28.53
CA SER B 94 7.87 5.74 27.82
C SER B 94 7.22 7.05 28.28
N PRO B 95 8.03 8.07 28.61
CA PRO B 95 7.42 9.34 29.04
C PRO B 95 6.61 9.96 27.90
N ALA B 96 7.03 9.70 26.66
CA ALA B 96 6.31 10.22 25.50
C ALA B 96 4.90 9.66 25.46
N LEU B 97 4.76 8.39 25.80
CA LEU B 97 3.45 7.75 25.81
C LEU B 97 2.61 8.28 26.96
N GLN B 98 3.22 8.39 28.13
CA GLN B 98 2.52 8.89 29.29
C GLN B 98 2.08 10.33 29.09
N GLU B 99 2.90 11.09 28.35
CA GLU B 99 2.61 12.49 28.08
C GLU B 99 1.77 12.73 26.82
N LYS B 100 1.17 11.66 26.31
CA LYS B 100 0.30 11.70 25.15
C LYS B 100 0.84 12.47 23.95
N ARG B 101 2.12 12.30 23.66
CA ARG B 101 2.72 12.97 22.52
C ARG B 101 3.28 11.98 21.49
N VAL B 102 2.61 10.86 21.36
CA VAL B 102 2.99 9.85 20.39
C VAL B 102 1.83 9.58 19.46
N GLY B 103 2.13 9.37 18.19
CA GLY B 103 1.09 9.08 17.23
C GLY B 103 1.57 7.94 16.36
N GLY B 104 0.64 7.14 15.84
CA GLY B 104 1.02 6.03 15.01
C GLY B 104 0.16 5.93 13.76
N VAL B 105 0.79 5.56 12.65
CA VAL B 105 0.09 5.42 11.38
C VAL B 105 0.38 4.03 10.80
N GLN B 106 -0.66 3.22 10.64
CA GLN B 106 -0.49 1.89 10.09
C GLN B 106 -0.07 2.07 8.65
N SER B 107 0.94 1.30 8.23
CA SER B 107 1.48 1.43 6.88
C SER B 107 1.74 0.09 6.21
N LEU B 108 2.05 0.16 4.92
CA LEU B 108 2.32 -1.04 4.13
C LEU B 108 3.76 -1.46 4.33
N GLY B 109 3.99 -2.16 5.45
CA GLY B 109 5.32 -2.61 5.81
C GLY B 109 6.19 -1.44 6.25
N GLY B 110 7.49 -1.69 6.37
CA GLY B 110 8.41 -0.63 6.74
C GLY B 110 8.55 0.32 5.57
N THR B 111 8.43 -0.22 4.36
CA THR B 111 8.59 0.59 3.15
C THR B 111 7.53 1.67 3.10
N GLY B 112 6.28 1.26 3.33
CA GLY B 112 5.19 2.21 3.32
C GLY B 112 5.35 3.27 4.40
N ALA B 113 5.84 2.87 5.57
CA ALA B 113 6.04 3.79 6.68
C ALA B 113 7.07 4.87 6.29
N LEU B 114 8.16 4.42 5.67
CA LEU B 114 9.20 5.33 5.23
C LEU B 114 8.66 6.31 4.19
N ARG B 115 7.80 5.81 3.29
CA ARG B 115 7.26 6.65 2.22
C ARG B 115 6.32 7.73 2.76
N ILE B 116 5.42 7.36 3.67
CA ILE B 116 4.50 8.33 4.27
C ILE B 116 5.28 9.41 5.01
N GLY B 117 6.28 8.98 5.78
CA GLY B 117 7.06 9.94 6.54
C GLY B 117 7.82 10.91 5.65
N ALA B 118 8.41 10.38 4.58
CA ALA B 118 9.15 11.22 3.65
C ALA B 118 8.22 12.20 2.95
N GLU B 119 7.04 11.71 2.57
CA GLU B 119 6.03 12.55 1.92
C GLU B 119 5.63 13.70 2.84
N PHE B 120 5.47 13.38 4.12
CA PHE B 120 5.09 14.40 5.09
C PHE B 120 6.18 15.46 5.23
N LEU B 121 7.42 15.00 5.43
CA LEU B 121 8.54 15.90 5.62
C LEU B 121 8.76 16.81 4.43
N ALA B 122 8.52 16.28 3.23
CA ALA B 122 8.73 17.08 2.02
C ALA B 122 7.65 18.15 1.83
N ARG B 123 6.61 18.12 2.67
CA ARG B 123 5.55 19.14 2.58
C ARG B 123 5.52 20.11 3.74
N TRP B 124 5.73 19.61 4.95
CA TRP B 124 5.61 20.44 6.14
C TRP B 124 6.83 20.62 7.04
N TYR B 125 7.95 20.00 6.69
CA TYR B 125 9.15 20.08 7.53
C TYR B 125 10.14 21.13 7.06
N ASN B 126 10.71 21.85 8.02
CA ASN B 126 11.72 22.85 7.71
C ASN B 126 11.16 23.88 6.72
N GLY B 127 9.90 24.29 6.95
CA GLY B 127 9.24 25.22 6.07
C GLY B 127 8.15 24.50 5.30
N THR B 128 7.49 25.18 4.37
CA THR B 128 6.44 24.58 3.58
C THR B 128 6.94 24.12 2.21
N ASN B 129 6.72 22.83 1.93
CA ASN B 129 7.09 22.22 0.66
C ASN B 129 8.57 22.43 0.30
N ASN B 130 9.44 22.23 1.28
CA ASN B 130 10.86 22.39 1.10
C ASN B 130 11.49 21.06 0.66
N LYS B 131 11.80 20.93 -0.62
CA LYS B 131 12.41 19.71 -1.13
C LYS B 131 13.92 19.82 -1.10
N ASP B 132 14.46 20.93 -0.59
CA ASP B 132 15.89 21.15 -0.56
C ASP B 132 16.64 20.66 0.68
N THR B 133 15.92 20.39 1.76
CA THR B 133 16.55 19.91 2.99
C THR B 133 17.39 18.65 2.70
N PRO B 134 18.67 18.65 3.08
CA PRO B 134 19.47 17.46 2.81
C PRO B 134 18.96 16.25 3.59
N VAL B 135 19.01 15.09 2.94
CA VAL B 135 18.62 13.83 3.55
C VAL B 135 19.88 13.00 3.54
N TYR B 136 20.24 12.43 4.69
CA TYR B 136 21.45 11.63 4.79
C TYR B 136 21.16 10.17 5.07
N VAL B 137 21.81 9.29 4.31
CA VAL B 137 21.69 7.85 4.48
C VAL B 137 23.09 7.29 4.74
N SER B 138 23.17 6.13 5.38
CA SER B 138 24.46 5.55 5.67
C SER B 138 25.13 5.05 4.40
N SER B 139 26.45 4.97 4.45
CA SER B 139 27.22 4.46 3.32
C SER B 139 27.86 3.13 3.74
N PRO B 140 27.32 2.00 3.28
CA PRO B 140 26.18 1.82 2.38
C PRO B 140 24.88 1.65 3.15
N THR B 141 23.75 1.56 2.45
CA THR B 141 22.46 1.35 3.11
C THR B 141 21.53 0.56 2.21
N TRP B 142 20.38 0.20 2.75
CA TRP B 142 19.37 -0.55 2.03
C TRP B 142 19.03 0.27 0.79
N GLU B 143 19.16 -0.32 -0.39
CA GLU B 143 18.94 0.39 -1.64
C GLU B 143 17.66 1.21 -1.75
N ASN B 144 16.60 0.77 -1.08
CA ASN B 144 15.33 1.47 -1.16
C ASN B 144 15.25 2.79 -0.37
N HIS B 145 16.26 3.09 0.44
CA HIS B 145 16.22 4.35 1.20
C HIS B 145 16.31 5.52 0.24
N ASN B 146 17.25 5.46 -0.68
CA ASN B 146 17.42 6.53 -1.64
C ASN B 146 16.18 6.64 -2.50
N GLY B 147 15.69 5.49 -2.95
CA GLY B 147 14.52 5.46 -3.80
C GLY B 147 13.30 6.11 -3.20
N VAL B 148 13.02 5.80 -1.93
CA VAL B 148 11.84 6.36 -1.26
C VAL B 148 11.95 7.86 -1.10
N PHE B 149 13.12 8.34 -0.67
CA PHE B 149 13.28 9.77 -0.47
C PHE B 149 13.33 10.56 -1.77
N THR B 150 13.94 9.98 -2.80
CA THR B 150 13.98 10.66 -4.08
C THR B 150 12.58 10.78 -4.69
N THR B 151 11.76 9.75 -4.56
CA THR B 151 10.43 9.76 -5.11
C THR B 151 9.56 10.77 -4.37
N ALA B 152 9.86 10.97 -3.09
CA ALA B 152 9.11 11.93 -2.29
C ALA B 152 9.44 13.38 -2.72
N GLY B 153 10.44 13.54 -3.59
CA GLY B 153 10.77 14.87 -4.05
C GLY B 153 12.09 15.45 -3.56
N PHE B 154 12.69 14.85 -2.54
CA PHE B 154 13.94 15.39 -2.02
C PHE B 154 15.04 15.38 -3.09
N LYS B 155 15.65 16.55 -3.29
CA LYS B 155 16.67 16.73 -4.33
C LYS B 155 18.12 16.57 -3.89
N ASP B 156 18.37 16.70 -2.60
CA ASP B 156 19.73 16.62 -2.07
C ASP B 156 19.90 15.41 -1.15
N ILE B 157 20.25 14.27 -1.73
CA ILE B 157 20.46 13.07 -0.93
C ILE B 157 21.95 12.87 -0.72
N ARG B 158 22.36 12.77 0.54
CA ARG B 158 23.75 12.61 0.89
C ARG B 158 23.97 11.35 1.66
N SER B 159 25.24 11.02 1.82
CA SER B 159 25.64 9.83 2.56
C SER B 159 26.60 10.16 3.72
N TYR B 160 26.49 9.41 4.82
CA TYR B 160 27.42 9.61 5.91
C TYR B 160 28.29 8.38 6.04
N ARG B 161 29.58 8.58 6.29
CA ARG B 161 30.53 7.47 6.46
C ARG B 161 30.03 6.55 7.54
N TYR B 162 30.10 5.24 7.27
CA TYR B 162 29.60 4.27 8.22
C TYR B 162 30.51 3.04 8.26
N TRP B 163 30.52 2.28 7.18
CA TRP B 163 31.35 1.09 7.09
C TRP B 163 32.78 1.44 6.73
N ASP B 164 33.72 0.87 7.48
CA ASP B 164 35.15 1.09 7.24
C ASP B 164 35.67 -0.20 6.64
N THR B 165 35.98 -0.17 5.35
CA THR B 165 36.44 -1.35 4.63
C THR B 165 37.68 -1.96 5.26
N GLU B 166 38.57 -1.11 5.76
CA GLU B 166 39.81 -1.55 6.36
C GLU B 166 39.64 -2.21 7.73
N LYS B 167 39.00 -1.50 8.63
CA LYS B 167 38.79 -1.99 9.98
C LYS B 167 37.71 -3.06 10.04
N ARG B 168 36.89 -3.12 8.99
CA ARG B 168 35.79 -4.08 8.93
C ARG B 168 34.87 -3.84 10.14
N GLY B 169 34.53 -2.57 10.33
CA GLY B 169 33.68 -2.18 11.43
C GLY B 169 33.17 -0.77 11.21
N LEU B 170 32.76 -0.12 12.29
CA LEU B 170 32.21 1.22 12.20
C LEU B 170 33.24 2.35 12.13
N ASP B 171 33.09 3.24 11.16
CA ASP B 171 33.96 4.41 11.04
C ASP B 171 33.31 5.52 11.85
N LEU B 172 33.38 5.42 13.18
CA LEU B 172 32.73 6.40 14.03
C LEU B 172 33.26 7.80 13.79
N GLN B 173 34.57 7.93 13.61
CA GLN B 173 35.15 9.23 13.36
C GLN B 173 34.60 9.90 12.10
N GLY B 174 34.50 9.16 11.00
CA GLY B 174 33.96 9.74 9.78
C GLY B 174 32.48 10.09 9.95
N PHE B 175 31.75 9.21 10.62
CA PHE B 175 30.33 9.42 10.86
C PHE B 175 30.16 10.71 11.65
N LEU B 176 30.87 10.80 12.78
CA LEU B 176 30.78 11.98 13.65
C LEU B 176 31.10 13.25 12.85
N SER B 177 32.14 13.18 12.03
CA SER B 177 32.54 14.32 11.23
C SER B 177 31.44 14.75 10.26
N ASP B 178 30.74 13.77 9.68
CA ASP B 178 29.68 14.10 8.74
C ASP B 178 28.51 14.72 9.44
N LEU B 179 28.27 14.29 10.67
CA LEU B 179 27.19 14.88 11.46
C LEU B 179 27.54 16.33 11.77
N GLU B 180 28.79 16.55 12.17
CA GLU B 180 29.25 17.89 12.49
C GLU B 180 29.09 18.88 11.35
N ASN B 181 29.32 18.43 10.11
CA ASN B 181 29.24 19.31 8.95
C ASN B 181 27.89 19.32 8.25
N ALA B 182 26.91 18.65 8.83
CA ALA B 182 25.57 18.61 8.27
C ALA B 182 24.80 19.91 8.59
N PRO B 183 24.20 20.53 7.57
CA PRO B 183 23.43 21.75 7.82
C PRO B 183 22.39 21.51 8.89
N GLU B 184 22.15 22.52 9.72
CA GLU B 184 21.13 22.41 10.74
C GLU B 184 19.82 21.94 10.07
N PHE B 185 19.04 21.14 10.80
CA PHE B 185 17.75 20.62 10.31
C PHE B 185 17.80 19.50 9.26
N SER B 186 19.02 19.06 8.90
CA SER B 186 19.17 17.96 7.95
C SER B 186 18.51 16.72 8.56
N ILE B 187 17.95 15.89 7.69
CA ILE B 187 17.28 14.65 8.10
C ILE B 187 18.27 13.47 7.95
N PHE B 188 18.38 12.66 8.99
CA PHE B 188 19.27 11.49 8.95
C PHE B 188 18.46 10.21 9.10
N VAL B 189 18.64 9.28 8.17
CA VAL B 189 17.93 8.01 8.23
C VAL B 189 18.85 7.08 9.00
N LEU B 190 18.39 6.66 10.17
CA LEU B 190 19.18 5.81 11.05
C LEU B 190 18.59 4.44 11.17
N HIS B 191 19.44 3.42 11.19
CA HIS B 191 18.99 2.05 11.36
C HIS B 191 19.00 1.79 12.88
N ALA B 192 17.81 1.56 13.45
CA ALA B 192 17.69 1.30 14.90
C ALA B 192 18.63 0.22 15.42
N CYS B 193 18.79 -0.85 14.66
CA CYS B 193 19.67 -1.96 15.03
C CYS B 193 19.69 -2.93 13.85
N ALA B 194 20.64 -3.84 13.83
CA ALA B 194 20.78 -4.80 12.74
C ALA B 194 20.92 -4.05 11.43
N HIS B 195 21.95 -3.22 11.35
CA HIS B 195 22.18 -2.43 10.16
C HIS B 195 22.14 -3.27 8.87
N ASN B 196 21.37 -2.81 7.87
CA ASN B 196 21.26 -3.50 6.60
C ASN B 196 21.99 -2.61 5.59
N PRO B 197 22.98 -3.17 4.87
CA PRO B 197 23.43 -4.57 4.81
C PRO B 197 24.67 -5.00 5.58
N THR B 198 25.26 -4.13 6.39
CA THR B 198 26.50 -4.52 7.07
C THR B 198 26.43 -5.37 8.33
N GLY B 199 25.36 -5.22 9.11
CA GLY B 199 25.28 -5.94 10.36
C GLY B 199 26.03 -5.21 11.48
N THR B 200 26.71 -4.10 11.17
CA THR B 200 27.44 -3.34 12.17
C THR B 200 26.61 -2.19 12.72
N ASP B 201 26.43 -2.16 14.04
CA ASP B 201 25.68 -1.11 14.71
C ASP B 201 26.55 -0.39 15.73
N PRO B 202 26.21 0.87 16.04
CA PRO B 202 26.98 1.56 17.08
C PRO B 202 26.70 0.89 18.41
N THR B 203 27.65 0.99 19.34
CA THR B 203 27.45 0.46 20.67
C THR B 203 26.64 1.55 21.38
N PRO B 204 25.99 1.21 22.50
CA PRO B 204 25.19 2.26 23.15
C PRO B 204 26.01 3.49 23.49
N GLU B 205 27.29 3.32 23.77
CA GLU B 205 28.13 4.47 24.09
C GLU B 205 28.38 5.32 22.86
N GLN B 206 28.50 4.66 21.70
CA GLN B 206 28.69 5.38 20.46
C GLN B 206 27.40 6.09 20.05
N TRP B 207 26.25 5.49 20.37
CA TRP B 207 24.98 6.14 20.05
C TRP B 207 24.90 7.45 20.81
N LYS B 208 25.44 7.48 22.04
CA LYS B 208 25.38 8.71 22.84
C LYS B 208 26.15 9.85 22.17
N GLN B 209 27.26 9.53 21.51
CA GLN B 209 28.06 10.54 20.82
C GLN B 209 27.30 11.08 19.62
N ILE B 210 26.65 10.16 18.90
CA ILE B 210 25.87 10.53 17.72
C ILE B 210 24.72 11.44 18.13
N ALA B 211 24.01 11.05 19.18
CA ALA B 211 22.87 11.84 19.65
C ALA B 211 23.28 13.24 20.09
N SER B 212 24.47 13.35 20.66
CA SER B 212 24.94 14.65 21.13
C SER B 212 25.10 15.67 20.00
N VAL B 213 25.61 15.23 18.86
CA VAL B 213 25.79 16.12 17.72
C VAL B 213 24.44 16.47 17.10
N MET B 214 23.59 15.48 16.94
CA MET B 214 22.28 15.70 16.34
C MET B 214 21.45 16.65 17.17
N LYS B 215 21.63 16.55 18.49
CA LYS B 215 20.93 17.39 19.43
C LYS B 215 21.24 18.87 19.22
N ARG B 216 22.52 19.23 19.24
CA ARG B 216 22.89 20.64 19.12
C ARG B 216 22.85 21.24 17.73
N ARG B 217 22.77 20.40 16.69
CA ARG B 217 22.69 20.92 15.33
C ARG B 217 21.28 20.76 14.76
N PHE B 218 20.34 20.38 15.62
CA PHE B 218 18.94 20.20 15.25
C PHE B 218 18.76 19.25 14.09
N LEU B 219 19.47 18.15 14.13
CA LEU B 219 19.39 17.15 13.08
C LEU B 219 18.22 16.24 13.38
N PHE B 220 17.38 15.99 12.38
CA PHE B 220 16.19 15.17 12.56
C PHE B 220 16.43 13.65 12.47
N PRO B 221 16.06 12.89 13.52
CA PRO B 221 16.28 11.45 13.46
C PRO B 221 15.07 10.70 12.86
N PHE B 222 15.30 9.99 11.76
CA PHE B 222 14.24 9.20 11.14
C PHE B 222 14.73 7.79 11.25
N PHE B 223 14.27 7.12 12.29
CA PHE B 223 14.68 5.75 12.55
C PHE B 223 13.94 4.76 11.66
N ASP B 224 14.69 3.79 11.17
CA ASP B 224 14.16 2.68 10.36
C ASP B 224 14.37 1.47 11.28
N SER B 225 13.28 0.93 11.82
CA SER B 225 13.31 -0.18 12.76
C SER B 225 12.64 -1.38 12.10
N ALA B 226 13.43 -2.14 11.36
CA ALA B 226 12.91 -3.27 10.64
C ALA B 226 13.20 -4.61 11.30
N TYR B 227 13.98 -4.61 12.38
CA TYR B 227 14.36 -5.87 13.00
C TYR B 227 14.24 -5.96 14.51
N GLN B 228 13.30 -5.24 15.12
CA GLN B 228 13.20 -5.29 16.57
C GLN B 228 12.96 -6.69 17.12
N GLY B 229 13.83 -7.10 18.02
CA GLY B 229 13.74 -8.42 18.66
C GLY B 229 14.35 -9.53 17.84
N PHE B 230 14.03 -9.52 16.55
CA PHE B 230 14.55 -10.50 15.62
C PHE B 230 16.07 -10.39 15.58
N ALA B 231 16.58 -9.19 15.85
CA ALA B 231 18.03 -8.96 15.78
C ALA B 231 18.85 -9.64 16.85
N SER B 232 18.47 -9.46 18.11
CA SER B 232 19.22 -10.01 19.23
C SER B 232 18.41 -10.96 20.11
N GLY B 233 17.11 -11.03 19.86
CA GLY B 233 16.26 -11.87 20.66
C GLY B 233 15.65 -11.13 21.83
N ASN B 234 16.14 -9.92 22.10
CA ASN B 234 15.65 -9.12 23.22
C ASN B 234 14.99 -7.85 22.70
N LEU B 235 13.66 -7.78 22.80
CA LEU B 235 12.90 -6.64 22.32
C LEU B 235 13.38 -5.31 22.87
N GLU B 236 13.63 -5.28 24.17
CA GLU B 236 14.08 -4.08 24.85
C GLU B 236 15.42 -3.58 24.32
N LYS B 237 16.43 -4.44 24.33
CA LYS B 237 17.76 -4.09 23.86
C LYS B 237 17.75 -3.55 22.43
N ASP B 238 17.03 -4.24 21.55
CA ASP B 238 16.96 -3.84 20.15
C ASP B 238 16.37 -2.46 19.93
N ALA B 239 15.60 -1.97 20.89
CA ALA B 239 15.00 -0.64 20.77
C ALA B 239 15.68 0.42 21.64
N TRP B 240 16.83 0.07 22.21
CA TRP B 240 17.54 0.99 23.10
C TRP B 240 17.80 2.35 22.51
N ALA B 241 18.35 2.40 21.30
CA ALA B 241 18.66 3.70 20.68
C ALA B 241 17.46 4.61 20.54
N ILE B 242 16.35 4.07 20.05
CA ILE B 242 15.14 4.85 19.88
C ILE B 242 14.71 5.41 21.21
N ARG B 243 14.70 4.54 22.21
CA ARG B 243 14.27 4.96 23.55
C ARG B 243 15.22 5.98 24.15
N TYR B 244 16.51 5.84 23.85
CA TYR B 244 17.48 6.78 24.37
C TYR B 244 17.20 8.17 23.75
N PHE B 245 16.95 8.22 22.44
CA PHE B 245 16.64 9.48 21.78
C PHE B 245 15.37 10.09 22.40
N VAL B 246 14.36 9.29 22.69
CA VAL B 246 13.15 9.85 23.28
C VAL B 246 13.46 10.49 24.63
N SER B 247 14.19 9.76 25.47
CA SER B 247 14.56 10.27 26.80
C SER B 247 15.33 11.59 26.73
N GLU B 248 16.16 11.73 25.70
CA GLU B 248 16.97 12.92 25.51
C GLU B 248 16.14 14.08 24.95
N GLY B 249 14.83 13.85 24.82
CA GLY B 249 13.92 14.88 24.35
C GLY B 249 13.81 15.19 22.86
N PHE B 250 14.25 14.29 22.00
CA PHE B 250 14.15 14.52 20.57
C PHE B 250 12.74 14.31 20.09
N GLU B 251 12.45 14.91 18.95
CA GLU B 251 11.20 14.66 18.23
C GLU B 251 11.72 13.74 17.13
N LEU B 252 10.93 12.75 16.72
CA LEU B 252 11.41 11.82 15.72
C LEU B 252 10.31 11.02 15.07
N PHE B 253 10.72 10.30 14.02
CA PHE B 253 9.85 9.37 13.31
C PHE B 253 10.54 8.05 13.45
N CYS B 254 9.76 6.98 13.48
CA CYS B 254 10.30 5.64 13.57
C CYS B 254 9.47 4.74 12.66
N ALA B 255 10.05 4.31 11.55
CA ALA B 255 9.36 3.44 10.59
C ALA B 255 9.54 1.99 11.07
N GLN B 256 8.44 1.35 11.49
CA GLN B 256 8.51 -0.02 12.00
C GLN B 256 8.04 -1.05 10.98
N SER B 257 8.76 -2.15 10.85
CA SER B 257 8.33 -3.22 9.99
C SER B 257 8.10 -4.47 10.86
N PHE B 258 7.02 -5.22 10.58
CA PHE B 258 6.78 -6.46 11.30
C PHE B 258 6.99 -7.63 10.33
N SER B 259 7.62 -7.36 9.19
CA SER B 259 7.86 -8.41 8.20
C SER B 259 8.74 -9.53 8.71
N LYS B 260 9.88 -9.17 9.30
CA LYS B 260 10.80 -10.19 9.79
C LYS B 260 10.45 -10.71 11.17
N ASN B 261 10.17 -9.81 12.14
CA ASN B 261 9.89 -10.28 13.51
C ASN B 261 8.61 -11.07 13.72
N PHE B 262 7.69 -11.02 12.77
CA PHE B 262 6.47 -11.81 12.86
C PHE B 262 6.41 -12.74 11.65
N GLY B 263 7.39 -12.61 10.76
CA GLY B 263 7.42 -13.41 9.54
C GLY B 263 6.21 -13.15 8.68
N LEU B 264 5.70 -11.92 8.72
CA LEU B 264 4.52 -11.54 7.94
C LEU B 264 4.86 -10.76 6.69
N TYR B 265 6.00 -11.08 6.12
CA TYR B 265 6.48 -10.41 4.91
C TYR B 265 5.35 -10.02 3.96
N ASN B 266 4.60 -11.02 3.51
CA ASN B 266 3.54 -10.80 2.51
C ASN B 266 2.20 -10.22 2.95
N GLU B 267 2.10 -9.79 4.19
CA GLU B 267 0.87 -9.15 4.66
C GLU B 267 1.11 -7.65 4.88
N ARG B 268 2.35 -7.24 4.63
CA ARG B 268 2.76 -5.84 4.65
C ARG B 268 2.28 -5.06 5.88
N VAL B 269 2.80 -5.42 7.05
CA VAL B 269 2.41 -4.77 8.28
C VAL B 269 3.53 -3.83 8.76
N GLY B 270 3.21 -2.55 8.86
CA GLY B 270 4.18 -1.57 9.30
C GLY B 270 3.47 -0.50 10.07
N ASN B 271 4.24 0.37 10.69
CA ASN B 271 3.67 1.43 11.48
C ASN B 271 4.68 2.54 11.54
N LEU B 272 4.18 3.76 11.41
CA LEU B 272 5.03 4.94 11.48
C LEU B 272 4.69 5.59 12.83
N THR B 273 5.66 5.58 13.73
CA THR B 273 5.49 6.18 15.03
C THR B 273 6.05 7.57 14.96
N VAL B 274 5.29 8.50 15.51
CA VAL B 274 5.70 9.88 15.53
C VAL B 274 5.83 10.33 16.98
N VAL B 275 6.96 10.96 17.30
CA VAL B 275 7.17 11.48 18.65
C VAL B 275 7.34 12.99 18.56
N ALA B 276 6.45 13.72 19.21
CA ALA B 276 6.47 15.18 19.17
C ALA B 276 6.78 15.78 20.54
N LYS B 277 7.07 17.07 20.57
CA LYS B 277 7.36 17.77 21.83
C LYS B 277 6.08 18.06 22.64
N GLU B 278 5.00 18.39 21.94
CA GLU B 278 3.73 18.68 22.61
C GLU B 278 2.61 17.82 22.06
N PRO B 279 1.63 17.48 22.90
CA PRO B 279 0.48 16.66 22.49
C PRO B 279 -0.33 17.24 21.33
N ASP B 280 -0.56 18.54 21.34
CA ASP B 280 -1.38 19.16 20.30
C ASP B 280 -0.82 18.98 18.89
N SER B 281 0.50 18.91 18.78
CA SER B 281 1.13 18.72 17.48
C SER B 281 0.75 17.38 16.86
N ILE B 282 0.56 16.37 17.70
CA ILE B 282 0.20 15.04 17.20
C ILE B 282 -1.09 15.03 16.37
N LEU B 283 -2.13 15.74 16.81
CA LEU B 283 -3.37 15.78 16.05
C LEU B 283 -3.16 16.46 14.71
N ARG B 284 -2.42 17.55 14.71
CA ARG B 284 -2.19 18.29 13.47
C ARG B 284 -1.38 17.44 12.51
N VAL B 285 -0.28 16.85 13.00
CA VAL B 285 0.52 15.99 12.16
C VAL B 285 -0.31 14.81 11.59
N LEU B 286 -1.07 14.11 12.43
CA LEU B 286 -1.86 12.99 11.96
C LEU B 286 -2.90 13.36 10.93
N SER B 287 -3.41 14.59 11.02
CA SER B 287 -4.45 15.03 10.06
C SER B 287 -3.84 15.16 8.69
N GLN B 288 -2.59 15.59 8.64
CA GLN B 288 -1.93 15.75 7.37
C GLN B 288 -1.54 14.38 6.85
N MET B 289 -1.13 13.50 7.75
CA MET B 289 -0.79 12.17 7.32
C MET B 289 -2.01 11.48 6.71
N GLN B 290 -3.20 11.80 7.21
CA GLN B 290 -4.41 11.21 6.65
C GLN B 290 -4.57 11.59 5.17
N LYS B 291 -4.22 12.84 4.84
CA LYS B 291 -4.35 13.33 3.47
C LYS B 291 -3.42 12.56 2.53
N ILE B 292 -2.20 12.32 2.98
CA ILE B 292 -1.21 11.59 2.19
C ILE B 292 -1.65 10.15 1.96
N VAL B 293 -2.07 9.48 3.02
CA VAL B 293 -2.51 8.10 2.91
C VAL B 293 -3.67 7.97 1.95
N ARG B 294 -4.65 8.87 2.08
CA ARG B 294 -5.84 8.85 1.26
C ARG B 294 -5.55 8.75 -0.24
N VAL B 295 -4.57 9.51 -0.74
CA VAL B 295 -4.23 9.46 -2.16
C VAL B 295 -3.17 8.42 -2.53
N THR B 296 -2.76 7.60 -1.57
CA THR B 296 -1.75 6.59 -1.85
C THR B 296 -2.40 5.19 -1.85
N TRP B 297 -2.95 4.77 -0.71
CA TRP B 297 -3.63 3.45 -0.63
C TRP B 297 -5.03 3.56 -0.04
N SER B 298 -5.44 4.78 0.31
CA SER B 298 -6.76 5.10 0.85
C SER B 298 -6.91 4.69 2.31
N ASN B 299 -6.74 3.41 2.58
CA ASN B 299 -6.82 2.85 3.92
C ASN B 299 -6.04 1.53 3.87
N PRO B 300 -5.48 1.09 5.00
CA PRO B 300 -4.62 -0.10 5.05
C PRO B 300 -5.33 -1.47 5.12
N PRO B 301 -4.60 -2.54 4.75
CA PRO B 301 -5.19 -3.88 4.82
C PRO B 301 -5.31 -4.32 6.27
N ALA B 302 -6.22 -5.26 6.53
CA ALA B 302 -6.49 -5.71 7.90
C ALA B 302 -5.80 -6.97 8.41
N GLN B 303 -5.71 -8.00 7.57
CA GLN B 303 -5.19 -9.29 8.01
C GLN B 303 -3.92 -9.24 8.87
N GLY B 304 -2.85 -8.65 8.35
CA GLY B 304 -1.62 -8.64 9.11
C GLY B 304 -1.72 -7.90 10.43
N ALA B 305 -2.28 -6.70 10.38
CA ALA B 305 -2.42 -5.89 11.58
C ALA B 305 -3.25 -6.60 12.65
N ARG B 306 -4.31 -7.31 12.24
CA ARG B 306 -5.14 -8.02 13.19
C ARG B 306 -4.31 -9.09 13.92
N ILE B 307 -3.42 -9.77 13.19
CA ILE B 307 -2.57 -10.80 13.80
C ILE B 307 -1.64 -10.18 14.85
N VAL B 308 -0.96 -9.11 14.46
CA VAL B 308 -0.01 -8.46 15.34
C VAL B 308 -0.65 -7.88 16.59
N ALA B 309 -1.76 -7.17 16.42
CA ALA B 309 -2.44 -6.59 17.56
C ALA B 309 -2.96 -7.67 18.53
N ARG B 310 -3.46 -8.78 18.00
CA ARG B 310 -3.97 -9.86 18.87
C ARG B 310 -2.81 -10.44 19.67
N THR B 311 -1.69 -10.63 18.99
CA THR B 311 -0.52 -11.18 19.64
C THR B 311 0.04 -10.27 20.72
N LEU B 312 0.22 -9.00 20.38
CA LEU B 312 0.79 -8.05 21.34
C LEU B 312 -0.13 -7.69 22.51
N SER B 313 -1.43 -7.99 22.40
CA SER B 313 -2.39 -7.64 23.45
C SER B 313 -2.74 -8.78 24.43
N ASP B 314 -2.47 -10.02 24.04
CA ASP B 314 -2.78 -11.18 24.89
C ASP B 314 -1.47 -11.66 25.50
N PRO B 315 -1.35 -11.60 26.84
CA PRO B 315 -0.08 -12.01 27.46
C PRO B 315 0.39 -13.40 27.10
N GLU B 316 -0.54 -14.34 26.95
CA GLU B 316 -0.16 -15.70 26.60
C GLU B 316 0.47 -15.75 25.22
N LEU B 317 -0.16 -15.09 24.26
CA LEU B 317 0.37 -15.08 22.90
C LEU B 317 1.66 -14.27 22.81
N PHE B 318 1.71 -13.15 23.54
CA PHE B 318 2.91 -12.32 23.53
C PHE B 318 4.13 -13.11 24.02
N HIS B 319 3.95 -13.86 25.10
CA HIS B 319 5.03 -14.65 25.66
C HIS B 319 5.45 -15.74 24.68
N GLU B 320 4.49 -16.32 23.96
CA GLU B 320 4.81 -17.34 22.99
C GLU B 320 5.60 -16.70 21.85
N TRP B 321 5.18 -15.53 21.44
CA TRP B 321 5.85 -14.83 20.35
C TRP B 321 7.32 -14.53 20.71
N THR B 322 7.56 -13.99 21.89
CA THR B 322 8.91 -13.65 22.29
C THR B 322 9.80 -14.87 22.22
N GLY B 323 9.20 -16.05 22.42
CA GLY B 323 9.97 -17.27 22.32
C GLY B 323 10.27 -17.60 20.87
N ASN B 324 9.29 -17.39 19.99
CA ASN B 324 9.47 -17.64 18.57
C ASN B 324 10.54 -16.73 17.99
N VAL B 325 10.59 -15.50 18.50
CA VAL B 325 11.59 -14.56 18.02
C VAL B 325 12.99 -14.95 18.50
N LYS B 326 13.09 -15.38 19.76
CA LYS B 326 14.39 -15.78 20.30
C LYS B 326 14.92 -16.94 19.51
N THR B 327 14.01 -17.81 19.09
CA THR B 327 14.36 -18.96 18.27
C THR B 327 15.07 -18.49 17.01
N MET B 328 14.49 -17.49 16.33
CA MET B 328 15.10 -16.95 15.12
C MET B 328 16.43 -16.29 15.39
N ALA B 329 16.48 -15.44 16.42
CA ALA B 329 17.70 -14.73 16.79
C ALA B 329 18.80 -15.73 17.15
N ASP B 330 18.41 -16.78 17.88
CA ASP B 330 19.37 -17.78 18.33
C ASP B 330 20.04 -18.54 17.18
N ARG B 331 19.26 -18.88 16.15
CA ARG B 331 19.82 -19.61 15.03
C ARG B 331 20.87 -18.78 14.34
N ILE B 332 20.56 -17.50 14.15
CA ILE B 332 21.49 -16.58 13.52
C ILE B 332 22.75 -16.43 14.34
N LEU B 333 22.59 -16.31 15.67
CA LEU B 333 23.72 -16.19 16.56
C LEU B 333 24.61 -17.43 16.42
N SER B 334 23.97 -18.59 16.26
CA SER B 334 24.70 -19.84 16.08
C SER B 334 25.50 -19.85 14.79
N MET B 335 24.85 -19.50 13.69
CA MET B 335 25.54 -19.49 12.41
C MET B 335 26.77 -18.57 12.43
N ARG B 336 26.66 -17.41 13.07
CA ARG B 336 27.77 -16.48 13.13
C ARG B 336 28.93 -17.09 13.87
N SER B 337 28.62 -17.59 15.06
CA SER B 337 29.59 -18.20 15.95
C SER B 337 30.32 -19.36 15.27
N GLU B 338 29.53 -20.27 14.70
CA GLU B 338 30.06 -21.45 14.01
C GLU B 338 30.92 -21.11 12.80
N LEU B 339 30.53 -20.07 12.07
CA LEU B 339 31.28 -19.65 10.89
C LEU B 339 32.62 -19.07 11.29
N ARG B 340 32.61 -18.14 12.25
CA ARG B 340 33.83 -17.51 12.72
C ARG B 340 34.78 -18.59 13.22
N ALA B 341 34.25 -19.51 14.02
CA ALA B 341 35.05 -20.59 14.57
C ALA B 341 35.80 -21.39 13.51
N ARG B 342 35.12 -21.76 12.42
CA ARG B 342 35.77 -22.54 11.37
C ARG B 342 36.84 -21.75 10.62
N LEU B 343 36.54 -20.50 10.32
CA LEU B 343 37.49 -19.67 9.58
C LEU B 343 38.77 -19.50 10.38
N GLU B 344 38.61 -19.35 11.69
CA GLU B 344 39.76 -19.18 12.59
C GLU B 344 40.55 -20.47 12.72
N ALA B 345 39.83 -21.58 12.82
CA ALA B 345 40.47 -22.88 12.95
C ALA B 345 41.24 -23.21 11.69
N LEU B 346 40.77 -22.69 10.57
CA LEU B 346 41.43 -22.92 9.29
C LEU B 346 42.59 -21.96 9.17
N LYS B 347 42.75 -21.11 10.18
CA LYS B 347 43.79 -20.10 10.19
C LYS B 347 43.66 -19.24 8.92
N THR B 348 42.46 -18.71 8.69
CA THR B 348 42.23 -17.89 7.51
C THR B 348 42.85 -16.52 7.72
N PRO B 349 43.66 -16.04 6.76
CA PRO B 349 44.29 -14.73 6.93
C PRO B 349 43.32 -13.57 7.12
N GLY B 350 43.59 -12.72 8.11
CA GLY B 350 42.74 -11.58 8.39
C GLY B 350 41.99 -11.79 9.68
N THR B 351 41.34 -10.74 10.16
CA THR B 351 40.57 -10.82 11.40
C THR B 351 39.12 -11.16 11.06
N TRP B 352 38.49 -11.97 11.90
CA TRP B 352 37.12 -12.38 11.65
C TRP B 352 36.17 -12.17 12.81
N ASN B 353 36.54 -11.30 13.72
CA ASN B 353 35.65 -11.03 14.85
C ASN B 353 34.40 -10.25 14.43
N HIS B 354 34.47 -9.57 13.28
CA HIS B 354 33.33 -8.81 12.81
C HIS B 354 32.14 -9.74 12.54
N ILE B 355 32.42 -11.01 12.26
CA ILE B 355 31.36 -12.00 12.01
C ILE B 355 30.48 -12.17 13.26
N THR B 356 31.07 -12.09 14.46
CA THR B 356 30.27 -12.23 15.69
C THR B 356 29.97 -10.88 16.35
N ASP B 357 30.67 -9.83 15.95
CA ASP B 357 30.40 -8.50 16.50
C ASP B 357 29.13 -7.97 15.82
N GLN B 358 28.97 -8.34 14.56
CA GLN B 358 27.80 -7.93 13.78
C GLN B 358 26.54 -8.52 14.35
N ILE B 359 25.44 -7.81 14.09
CA ILE B 359 24.13 -8.13 14.62
C ILE B 359 23.09 -8.31 13.53
N GLY B 360 22.34 -9.40 13.60
CA GLY B 360 21.29 -9.65 12.62
C GLY B 360 21.60 -10.61 11.49
N MET B 361 20.66 -10.68 10.57
CA MET B 361 20.70 -11.57 9.42
C MET B 361 21.75 -11.24 8.39
N PHE B 362 22.02 -9.96 8.20
CA PHE B 362 23.00 -9.54 7.19
C PHE B 362 24.39 -9.29 7.73
N SER B 363 25.37 -9.61 6.89
CA SER B 363 26.77 -9.44 7.26
C SER B 363 27.65 -9.02 6.10
N PHE B 364 28.49 -8.03 6.35
CA PHE B 364 29.43 -7.60 5.35
C PHE B 364 30.69 -8.40 5.70
N THR B 365 30.98 -9.39 4.88
CA THR B 365 32.10 -10.29 5.16
C THR B 365 33.47 -9.63 4.98
N GLY B 366 33.54 -8.62 4.11
CA GLY B 366 34.81 -7.98 3.86
C GLY B 366 35.51 -8.55 2.63
N LEU B 367 34.87 -9.51 1.95
CA LEU B 367 35.46 -10.09 0.75
C LEU B 367 35.35 -9.10 -0.39
N ASN B 368 36.36 -9.06 -1.27
CA ASN B 368 36.34 -8.16 -2.43
C ASN B 368 35.58 -8.85 -3.56
N PRO B 369 35.19 -8.10 -4.60
CA PRO B 369 34.42 -8.66 -5.73
C PRO B 369 35.04 -9.83 -6.49
N LYS B 370 36.37 -9.93 -6.47
CA LYS B 370 37.00 -11.02 -7.20
C LYS B 370 36.87 -12.30 -6.40
N GLN B 371 36.87 -12.15 -5.08
CA GLN B 371 36.71 -13.28 -4.18
C GLN B 371 35.28 -13.77 -4.24
N VAL B 372 34.34 -12.84 -4.35
CA VAL B 372 32.93 -13.17 -4.48
C VAL B 372 32.69 -13.90 -5.80
N GLU B 373 33.25 -13.34 -6.87
CA GLU B 373 33.16 -13.91 -8.20
C GLU B 373 33.62 -15.37 -8.18
N TYR B 374 34.72 -15.61 -7.47
CA TYR B 374 35.28 -16.96 -7.36
C TYR B 374 34.30 -17.88 -6.66
N LEU B 375 33.78 -17.42 -5.53
CA LEU B 375 32.83 -18.20 -4.74
C LEU B 375 31.60 -18.62 -5.55
N ILE B 376 31.16 -17.78 -6.48
CA ILE B 376 29.98 -18.06 -7.30
C ILE B 376 30.31 -19.02 -8.44
N ASN B 377 31.22 -18.59 -9.30
CA ASN B 377 31.60 -19.36 -10.47
C ASN B 377 32.21 -20.70 -10.13
N GLN B 378 33.10 -20.69 -9.14
CA GLN B 378 33.81 -21.89 -8.75
C GLN B 378 33.15 -22.77 -7.68
N LYS B 379 32.75 -22.17 -6.55
CA LYS B 379 32.18 -22.96 -5.47
C LYS B 379 30.66 -23.00 -5.38
N HIS B 380 29.97 -22.36 -6.33
CA HIS B 380 28.50 -22.39 -6.34
C HIS B 380 27.88 -21.77 -5.08
N ILE B 381 28.56 -20.78 -4.53
CA ILE B 381 28.11 -20.07 -3.34
C ILE B 381 27.65 -18.70 -3.79
N TYR B 382 26.35 -18.45 -3.67
CA TYR B 382 25.78 -17.21 -4.15
C TYR B 382 25.63 -16.12 -3.12
N LEU B 383 26.19 -14.97 -3.44
CA LEU B 383 26.12 -13.80 -2.59
C LEU B 383 26.25 -12.56 -3.47
N LEU B 384 26.13 -11.38 -2.89
CA LEU B 384 26.22 -10.16 -3.66
C LEU B 384 27.66 -9.71 -3.83
N PRO B 385 27.95 -8.99 -4.93
CA PRO B 385 29.31 -8.51 -5.19
C PRO B 385 29.87 -7.69 -4.03
N SER B 386 29.00 -7.22 -3.17
CA SER B 386 29.40 -6.40 -2.03
C SER B 386 30.00 -7.23 -0.89
N GLY B 387 29.90 -8.54 -0.99
CA GLY B 387 30.41 -9.38 0.07
C GLY B 387 29.35 -9.65 1.12
N ARG B 388 28.15 -9.12 0.88
CA ARG B 388 27.06 -9.31 1.81
C ARG B 388 26.49 -10.71 1.74
N ILE B 389 26.35 -11.33 2.91
CA ILE B 389 25.74 -12.66 2.97
C ILE B 389 24.61 -12.60 3.98
N ASN B 390 23.66 -13.50 3.83
CA ASN B 390 22.55 -13.58 4.76
C ASN B 390 22.86 -14.83 5.57
N MET B 391 23.13 -14.66 6.86
CA MET B 391 23.46 -15.78 7.74
C MET B 391 22.44 -16.90 7.67
N CYS B 392 21.21 -16.60 7.26
CA CYS B 392 20.18 -17.61 7.20
C CYS B 392 20.41 -18.62 6.08
N GLY B 393 21.38 -18.34 5.22
CA GLY B 393 21.70 -19.24 4.13
C GLY B 393 22.62 -20.35 4.59
N LEU B 394 23.21 -20.18 5.78
CA LEU B 394 24.10 -21.20 6.36
C LEU B 394 23.26 -22.21 7.15
N THR B 395 23.69 -23.46 7.13
CA THR B 395 23.03 -24.55 7.86
C THR B 395 24.11 -25.44 8.46
N THR B 396 23.74 -26.25 9.43
CA THR B 396 24.68 -27.15 10.07
C THR B 396 25.28 -28.06 9.02
N LYS B 397 24.55 -28.26 7.93
CA LYS B 397 24.99 -29.13 6.85
C LYS B 397 25.93 -28.51 5.82
N ASN B 398 25.88 -27.20 5.66
CA ASN B 398 26.71 -26.55 4.64
C ASN B 398 27.78 -25.65 5.22
N LEU B 399 27.84 -25.57 6.54
CA LEU B 399 28.84 -24.73 7.20
C LEU B 399 30.27 -25.10 6.86
N ASP B 400 30.58 -26.41 6.87
CA ASP B 400 31.93 -26.85 6.54
C ASP B 400 32.33 -26.43 5.12
N TYR B 401 31.46 -26.68 4.17
CA TYR B 401 31.71 -26.34 2.78
C TYR B 401 31.91 -24.83 2.55
N VAL B 402 31.05 -24.02 3.18
CA VAL B 402 31.13 -22.57 3.04
C VAL B 402 32.45 -22.03 3.61
N ALA B 403 32.76 -22.42 4.84
CA ALA B 403 33.99 -21.96 5.49
C ALA B 403 35.26 -22.33 4.73
N THR B 404 35.34 -23.55 4.20
CA THR B 404 36.52 -23.96 3.46
C THR B 404 36.63 -23.23 2.12
N SER B 405 35.49 -22.97 1.48
CA SER B 405 35.47 -22.25 0.22
C SER B 405 35.94 -20.82 0.42
N ILE B 406 35.42 -20.16 1.45
CA ILE B 406 35.84 -18.80 1.77
C ILE B 406 37.34 -18.81 2.03
N HIS B 407 37.79 -19.73 2.87
CA HIS B 407 39.21 -19.85 3.18
C HIS B 407 39.97 -19.92 1.87
N GLU B 408 39.43 -20.66 0.91
CA GLU B 408 40.07 -20.77 -0.40
C GLU B 408 40.11 -19.45 -1.14
N ALA B 409 38.94 -18.80 -1.21
CA ALA B 409 38.81 -17.53 -1.93
C ALA B 409 39.72 -16.45 -1.35
N VAL B 410 39.92 -16.51 -0.03
CA VAL B 410 40.76 -15.53 0.62
C VAL B 410 42.25 -15.81 0.40
N THR B 411 42.62 -17.09 0.29
CA THR B 411 44.02 -17.47 0.12
C THR B 411 44.51 -17.55 -1.33
N LYS B 412 43.61 -17.79 -2.27
CA LYS B 412 44.00 -17.90 -3.68
C LYS B 412 43.68 -16.71 -4.54
N ILE B 413 42.72 -15.89 -4.11
CA ILE B 413 42.34 -14.71 -4.88
C ILE B 413 42.79 -13.43 -4.21
N GLN B 414 43.23 -12.48 -5.02
CA GLN B 414 43.65 -11.18 -4.54
C GLN B 414 42.80 -10.11 -5.21
N1 PLA C . -13.10 4.53 -7.71
C2 PLA C . -14.39 4.82 -7.43
C2A PLA C . -15.28 5.36 -8.54
C3 PLA C . -14.89 4.59 -6.16
O3 PLA C . -16.20 4.88 -5.91
C4 PLA C . -14.08 4.10 -5.17
C4A PLA C . -14.66 3.92 -3.75
C5 PLA C . -12.79 3.82 -5.46
C6 PLA C . -12.30 4.03 -6.74
C5A PLA C . -11.81 3.30 -4.40
O4P PLA C . -11.95 1.92 -4.24
P PLA C . -10.92 1.15 -3.20
O1P PLA C . -11.55 1.19 -1.82
O2P PLA C . -9.62 1.88 -3.19
O3P PLA C . -10.79 -0.26 -3.70
N PLA C . -15.43 5.08 -3.27
CA PLA C . -16.25 4.88 -2.07
CB1 PLA C . -15.39 4.77 -0.80
CB2 PLA C . -17.14 3.66 -2.20
CG PLA C . -14.31 5.86 -0.78
OD1 PLA C . -14.63 7.09 -0.81
OD2 PLA C . -13.09 5.52 -0.74
C PLA C . -17.26 6.01 -1.91
O PLA C . -17.95 6.09 -0.87
OXT PLA C . -17.44 6.85 -2.84
D2A1 PLA C . -16.34 5.21 -8.28
H2A1 PLA C . -16.34 5.21 -8.28
D2A2 PLA C . -15.09 4.84 -9.48
H2A2 PLA C . -15.09 4.84 -9.48
D2A3 PLA C . -15.13 6.44 -8.69
H2A3 PLA C . -15.13 6.44 -8.69
H4A1 PLA C . -14.46 3.02 -3.17
D6 PLA C . -11.26 3.79 -6.95
H6 PLA C . -11.26 3.79 -6.95
H5A1 PLA C . -10.78 3.49 -4.73
H5A2 PLA C . -12.00 3.79 -3.44
DN PLA C . -15.41 5.97 -3.76
HB11 PLA C . -14.88 3.79 -0.82
HB12 PLA C . -16.01 4.84 0.11
HB21 PLA C . -16.54 2.75 -2.20
HB22 PLA C . -17.71 3.72 -3.14
HB23 PLA C . -17.85 3.61 -1.37
D1Z PLA C . -12.72 4.65 -8.62
N1 PMP D . 14.26 -1.11 6.09
C2 PMP D . 15.21 -2.00 6.15
C2A PMP D . 16.54 -1.61 6.79
C3 PMP D . 15.03 -3.28 5.71
O3 PMP D . 16.06 -4.22 5.80
C4 PMP D . 13.79 -3.61 5.13
C4A PMP D . 13.57 -5.02 4.65
N4A PMP D . 13.32 -5.78 5.88
C5 PMP D . 12.79 -2.62 5.09
C6 PMP D . 13.07 -1.36 5.58
C5A PMP D . 11.41 -2.80 4.46
O4P PMP D . 10.70 -3.82 5.09
P PMP D . 9.18 -4.14 4.55
O1P PMP D . 9.27 -5.45 3.79
O2P PMP D . 8.66 -3.01 3.70
O3P PMP D . 8.32 -4.31 5.76
H2A1 PMP D . 16.42 -1.19 7.79
H2A2 PMP D . 17.18 -2.50 6.86
H2A3 PMP D . 17.07 -0.89 6.15
D4A1 PMP D . 12.73 -5.14 3.98
H4A2 PMP D . 14.52 -5.36 4.16
DNA1 PMP D . 12.45 -5.50 6.27
DNA2 PMP D . 13.29 -7.25 5.72
H6 PMP D . 12.38 -0.54 5.57
H5A1 PMP D . 11.51 -3.06 3.39
H5A2 PMP D . 10.82 -1.88 4.55
D25 PMP D . 14.47 -0.19 6.36
D28 PMP D . 14.07 -5.65 6.53
#